data_1J0N
#
_entry.id   1J0N
#
_cell.length_a   54.357
_cell.length_b   91.305
_cell.length_c   159.258
_cell.angle_alpha   90.00
_cell.angle_beta   90.00
_cell.angle_gamma   90.00
#
_symmetry.space_group_name_H-M   'P 21 21 21'
#
loop_
_entity.id
_entity.type
_entity.pdbx_description
1 polymer 'XANTHAN LYASE'
2 non-polymer 4,6-O-[(1S)-1-carboxyethylidene]-beta-D-glucopyranose
3 non-polymer 'CALCIUM ION'
4 water water
#
_entity_poly.entity_id   1
_entity_poly.type   'polypeptide(L)'
_entity_poly.pdbx_seq_one_letter_code
;SDEFDALRIKWATLLTGGPALDPADSDIAARTDKLAQDANDYWEDMDLSSSRTYIWYALRGNGTSDNVNAVYERLRTMAL
AATTVGSSLYGNADLKEDILDALDWLYVNSYNSTRSRSAYNWWHWQLGIPMSLNDTAVLLYDDISAARMATYMDTIDYFT
PSIGLTGANRAWQAIVVGVRAVIVKDAVKLAAARNGLSGTGIFPYATGGDGFYADGSFVQHTTFAYTGGYGSSVLETTAN
LMYLLSGSTWSVSDPNQSNVWQWIYEAYRPLLYKGAMMDMVRGREISRSYAQDHAVGHGIVASIVRLAQFAPAPHAAAFK
QIAKRVIQEDTFSSFYGDVSTDTIRLAKAIVDDPSIAPAAAPNLYKQYAAMDRAVLQRPGFALGLALYSTRISSYESINS
ENGRGWYTGAGATYLYNQDLAQYSEDYWPTVDAYRIPGTTVASGTPIASGTGTSSWTGGVSLAGQYGASGMDLSYGAYNL
SARKSWFMFDDEIVALGSGISSTAGIPIETVVDNRKLNGAGDNAWTANGAALSTGLGVAQTLTGVNWVHLAGNTADGSDI
GYYFPGGATLQTKREARTGTWKQINNRPATPSTAVTRNYETMWIDHGTNPSGASYGYVLLPNKTSAQVGAYAADPAIEIV
VNTSGVQSVKEKTLGLVGANFWTDTTQTADLITSNKKASVMTREIADERLEASVSDPTQANNGTIAIELARSAEGYSADP
GITVTQLAPTIKFTVNVNGAKGKSFHASFQLG
;
_entity_poly.pdbx_strand_id   A
#
# COMPACT_ATOMS: atom_id res chain seq x y z
N SER A 1 34.08 -22.04 -18.91
CA SER A 1 32.80 -21.50 -18.38
C SER A 1 32.03 -22.54 -17.57
N ASP A 2 31.24 -22.09 -16.61
CA ASP A 2 30.45 -23.00 -15.78
C ASP A 2 29.08 -22.38 -15.51
N GLU A 3 28.32 -22.99 -14.60
CA GLU A 3 26.99 -22.45 -14.29
C GLU A 3 27.07 -21.06 -13.68
N PHE A 4 27.87 -20.94 -12.64
CA PHE A 4 28.05 -19.67 -11.96
C PHE A 4 28.23 -18.52 -12.96
N ASP A 5 29.04 -18.74 -14.00
CA ASP A 5 29.30 -17.73 -15.02
C ASP A 5 28.02 -17.39 -15.79
N ALA A 6 27.17 -18.40 -15.98
CA ALA A 6 25.91 -18.22 -16.71
C ALA A 6 24.99 -17.36 -15.85
N LEU A 7 24.87 -17.76 -14.59
CA LEU A 7 24.03 -17.04 -13.66
C LEU A 7 24.44 -15.58 -13.61
N ARG A 8 25.74 -15.34 -13.46
CA ARG A 8 26.25 -13.97 -13.36
C ARG A 8 25.88 -13.10 -14.57
N ILE A 9 25.94 -13.67 -15.76
CA ILE A 9 25.62 -12.92 -16.99
C ILE A 9 24.11 -12.68 -17.04
N LYS A 10 23.36 -13.62 -16.47
CA LYS A 10 21.92 -13.51 -16.44
C LYS A 10 21.56 -12.33 -15.55
N TRP A 11 22.29 -12.18 -14.46
CA TRP A 11 22.06 -11.09 -13.52
C TRP A 11 22.58 -9.78 -14.10
N ALA A 12 23.64 -9.89 -14.90
CA ALA A 12 24.24 -8.72 -15.54
C ALA A 12 23.26 -8.08 -16.53
N THR A 13 22.46 -8.91 -17.19
CA THR A 13 21.49 -8.39 -18.14
C THR A 13 20.25 -7.91 -17.42
N LEU A 14 20.05 -8.41 -16.20
CA LEU A 14 18.91 -8.01 -15.39
C LEU A 14 19.15 -6.54 -15.02
N LEU A 15 20.40 -6.23 -14.72
CA LEU A 15 20.79 -4.89 -14.33
C LEU A 15 20.97 -3.96 -15.52
N THR A 16 21.47 -4.52 -16.62
CA THR A 16 21.72 -3.71 -17.81
C THR A 16 20.70 -3.82 -18.93
N GLY A 17 20.14 -5.01 -19.11
CA GLY A 17 19.19 -5.22 -20.17
C GLY A 17 19.90 -5.96 -21.29
N GLY A 18 21.11 -6.43 -20.98
CA GLY A 18 21.91 -7.17 -21.94
C GLY A 18 22.29 -6.40 -23.20
N PRO A 19 23.09 -7.01 -24.08
CA PRO A 19 23.53 -6.39 -25.33
C PRO A 19 22.33 -6.18 -26.25
N ALA A 20 21.24 -6.83 -25.90
CA ALA A 20 19.99 -6.77 -26.65
C ALA A 20 19.41 -5.35 -26.77
N LEU A 21 19.52 -4.57 -25.72
CA LEU A 21 18.98 -3.21 -25.72
C LEU A 21 19.04 -2.44 -27.02
N ASP A 22 17.89 -1.92 -27.42
CA ASP A 22 17.76 -1.15 -28.65
C ASP A 22 17.73 0.33 -28.30
N PRO A 23 18.91 0.98 -28.30
CA PRO A 23 18.97 2.41 -27.98
C PRO A 23 18.13 3.30 -28.90
N ALA A 24 17.55 2.71 -29.94
CA ALA A 24 16.72 3.48 -30.87
C ALA A 24 15.39 3.80 -30.19
N ASP A 25 14.92 2.86 -29.37
CA ASP A 25 13.67 3.01 -28.65
C ASP A 25 13.68 4.34 -27.88
N SER A 26 12.61 5.10 -27.99
CA SER A 26 12.54 6.40 -27.30
C SER A 26 12.65 6.33 -25.79
N ASP A 27 12.06 5.30 -25.19
CA ASP A 27 12.10 5.15 -23.73
C ASP A 27 13.40 4.51 -23.25
N ILE A 28 13.95 3.61 -24.04
CA ILE A 28 15.21 2.98 -23.66
C ILE A 28 16.25 4.10 -23.65
N ALA A 29 16.20 4.93 -24.69
CA ALA A 29 17.12 6.05 -24.84
C ALA A 29 16.98 7.06 -23.72
N ALA A 30 15.75 7.45 -23.41
CA ALA A 30 15.48 8.41 -22.35
C ALA A 30 16.17 8.00 -21.06
N ARG A 31 15.93 6.75 -20.65
CA ARG A 31 16.51 6.19 -19.44
C ARG A 31 18.03 6.24 -19.53
N THR A 32 18.56 5.82 -20.66
CA THR A 32 20.01 5.81 -20.90
C THR A 32 20.66 7.18 -20.75
N ASP A 33 20.06 8.20 -21.36
CA ASP A 33 20.62 9.56 -21.27
C ASP A 33 20.77 9.96 -19.82
N LYS A 34 19.74 9.72 -19.02
CA LYS A 34 19.76 10.07 -17.61
C LYS A 34 20.85 9.32 -16.85
N LEU A 35 20.96 8.03 -17.11
CA LEU A 35 21.97 7.25 -16.41
C LEU A 35 23.35 7.85 -16.69
N ALA A 36 23.63 8.09 -17.98
CA ALA A 36 24.90 8.67 -18.39
C ALA A 36 25.08 10.06 -17.80
N GLN A 37 24.03 10.88 -17.89
CA GLN A 37 24.08 12.24 -17.36
C GLN A 37 24.43 12.19 -15.87
N ASP A 38 23.57 11.54 -15.10
CA ASP A 38 23.78 11.40 -13.66
C ASP A 38 25.17 10.81 -13.36
N ALA A 39 25.52 9.75 -14.07
CA ALA A 39 26.83 9.11 -13.87
C ALA A 39 27.93 10.12 -14.11
N ASN A 40 27.81 10.82 -15.23
CA ASN A 40 28.78 11.83 -15.62
C ASN A 40 28.80 12.91 -14.55
N ASP A 41 27.61 13.36 -14.17
CA ASP A 41 27.42 14.39 -13.17
C ASP A 41 28.22 14.10 -11.90
N TYR A 42 28.24 12.84 -11.45
CA TYR A 42 28.98 12.49 -10.23
C TYR A 42 30.48 12.48 -10.51
N TRP A 43 30.88 11.58 -11.40
CA TRP A 43 32.27 11.39 -11.80
C TRP A 43 33.06 12.70 -11.90
N GLU A 44 32.51 13.62 -12.68
CA GLU A 44 33.10 14.93 -12.91
C GLU A 44 32.79 15.83 -11.71
N ASP A 45 33.08 15.30 -10.52
CA ASP A 45 32.81 16.02 -9.28
C ASP A 45 33.43 15.24 -8.12
N MET A 46 33.89 14.02 -8.42
CA MET A 46 34.53 13.18 -7.42
C MET A 46 35.87 13.80 -7.10
N ASP A 47 36.42 13.46 -5.94
CA ASP A 47 37.73 13.95 -5.60
C ASP A 47 38.64 12.79 -6.00
N LEU A 48 39.32 12.92 -7.13
CA LEU A 48 40.20 11.86 -7.61
C LEU A 48 41.58 11.94 -6.95
N SER A 49 41.76 12.93 -6.08
CA SER A 49 43.02 13.14 -5.38
C SER A 49 43.55 11.91 -4.66
N SER A 50 44.83 11.63 -4.86
CA SER A 50 45.47 10.48 -4.23
C SER A 50 45.25 10.46 -2.72
N SER A 51 45.38 11.63 -2.10
CA SER A 51 45.21 11.73 -0.66
C SER A 51 43.85 12.30 -0.25
N ARG A 52 42.81 11.89 -0.97
CA ARG A 52 41.48 12.37 -0.63
C ARG A 52 41.04 11.84 0.73
N THR A 53 40.20 12.61 1.41
CA THR A 53 39.67 12.24 2.72
C THR A 53 38.21 11.83 2.54
N TYR A 54 37.74 12.00 1.31
CA TYR A 54 36.39 11.66 0.94
C TYR A 54 36.32 11.52 -0.58
N ILE A 55 35.29 10.83 -1.06
CA ILE A 55 35.12 10.65 -2.50
C ILE A 55 34.21 11.76 -3.01
N TRP A 56 33.28 12.20 -2.17
CA TRP A 56 32.35 13.28 -2.53
C TRP A 56 32.17 14.21 -1.33
N TYR A 57 32.42 15.49 -1.55
CA TYR A 57 32.29 16.50 -0.49
C TYR A 57 30.96 16.32 0.22
N ALA A 58 29.89 16.43 -0.56
CA ALA A 58 28.53 16.30 -0.05
C ALA A 58 28.30 15.10 0.87
N LEU A 59 28.93 13.97 0.57
CA LEU A 59 28.75 12.75 1.35
C LEU A 59 29.84 12.39 2.36
N ARG A 60 30.76 13.32 2.64
CA ARG A 60 31.85 13.09 3.58
C ARG A 60 31.34 12.57 4.94
N GLY A 61 32.21 11.87 5.67
CA GLY A 61 31.83 11.34 6.97
C GLY A 61 31.73 9.82 6.99
N ASN A 62 32.88 9.16 7.11
CA ASN A 62 32.95 7.69 7.13
C ASN A 62 32.12 7.01 8.22
N GLY A 63 31.58 7.79 9.15
CA GLY A 63 30.82 7.18 10.23
C GLY A 63 29.32 7.06 10.07
N THR A 64 28.73 7.87 9.19
CA THR A 64 27.28 7.85 8.98
C THR A 64 26.85 6.89 7.88
N SER A 65 26.25 5.77 8.28
CA SER A 65 25.79 4.76 7.34
C SER A 65 24.96 5.34 6.21
N ASP A 66 24.16 6.36 6.50
CA ASP A 66 23.35 7.01 5.48
C ASP A 66 24.22 7.50 4.32
N ASN A 67 25.31 8.19 4.67
CA ASN A 67 26.21 8.72 3.67
C ASN A 67 26.93 7.61 2.92
N VAL A 68 27.48 6.65 3.66
CA VAL A 68 28.20 5.55 3.04
C VAL A 68 27.32 4.76 2.08
N ASN A 69 26.07 4.55 2.47
CA ASN A 69 25.13 3.82 1.65
C ASN A 69 24.92 4.56 0.34
N ALA A 70 24.87 5.88 0.43
CA ALA A 70 24.67 6.71 -0.75
C ALA A 70 25.90 6.74 -1.69
N VAL A 71 27.10 6.63 -1.13
CA VAL A 71 28.29 6.66 -1.98
C VAL A 71 28.36 5.35 -2.77
N TYR A 72 27.78 4.30 -2.24
CA TYR A 72 27.78 3.04 -2.95
C TYR A 72 26.75 3.07 -4.08
N GLU A 73 25.58 3.63 -3.82
CA GLU A 73 24.54 3.73 -4.84
C GLU A 73 25.05 4.54 -6.01
N ARG A 74 25.71 5.66 -5.71
CA ARG A 74 26.27 6.51 -6.74
C ARG A 74 27.19 5.67 -7.63
N LEU A 75 28.10 4.94 -6.98
CA LEU A 75 29.06 4.11 -7.69
C LEU A 75 28.32 3.08 -8.55
N ARG A 76 27.29 2.46 -7.96
CA ARG A 76 26.50 1.48 -8.69
C ARG A 76 25.92 2.14 -9.94
N THR A 77 25.51 3.40 -9.80
CA THR A 77 24.93 4.13 -10.91
C THR A 77 25.94 4.34 -12.03
N MET A 78 27.17 4.65 -11.66
CA MET A 78 28.22 4.86 -12.65
C MET A 78 28.60 3.54 -13.29
N ALA A 79 28.53 2.47 -12.51
CA ALA A 79 28.85 1.14 -13.00
C ALA A 79 27.88 0.80 -14.13
N LEU A 80 26.61 1.07 -13.88
CA LEU A 80 25.58 0.82 -14.88
C LEU A 80 25.81 1.69 -16.10
N ALA A 81 25.96 2.99 -15.90
CA ALA A 81 26.19 3.89 -17.02
C ALA A 81 27.42 3.49 -17.82
N ALA A 82 28.30 2.70 -17.20
CA ALA A 82 29.52 2.24 -17.85
C ALA A 82 29.31 0.88 -18.49
N THR A 83 28.27 0.19 -18.05
CA THR A 83 27.95 -1.16 -18.51
C THR A 83 26.76 -1.32 -19.47
N THR A 84 25.80 -0.41 -19.42
CA THR A 84 24.63 -0.51 -20.27
C THR A 84 24.80 0.11 -21.66
N VAL A 85 24.45 -0.67 -22.68
CA VAL A 85 24.55 -0.25 -24.08
C VAL A 85 23.73 0.98 -24.45
N GLY A 86 24.36 1.92 -25.14
CA GLY A 86 23.68 3.13 -25.56
C GLY A 86 24.08 4.31 -24.69
N SER A 87 24.77 4.02 -23.59
CA SER A 87 25.21 5.05 -22.66
C SER A 87 26.40 5.83 -23.18
N SER A 88 26.36 7.15 -22.95
CA SER A 88 27.42 8.05 -23.38
C SER A 88 28.75 7.58 -22.78
N LEU A 89 28.67 6.76 -21.74
CA LEU A 89 29.89 6.29 -21.07
C LEU A 89 30.09 4.80 -21.18
N TYR A 90 29.49 4.17 -22.18
CA TYR A 90 29.63 2.74 -22.35
C TYR A 90 31.09 2.35 -22.60
N GLY A 91 31.54 1.31 -21.92
CA GLY A 91 32.90 0.84 -22.08
C GLY A 91 34.05 1.68 -21.56
N ASN A 92 33.81 2.98 -21.37
CA ASN A 92 34.85 3.89 -20.88
C ASN A 92 35.70 3.31 -19.75
N ALA A 93 36.87 2.78 -20.10
CA ALA A 93 37.78 2.17 -19.14
C ALA A 93 38.20 3.12 -18.02
N ASP A 94 38.39 4.39 -18.37
CA ASP A 94 38.80 5.38 -17.39
C ASP A 94 37.80 5.38 -16.24
N LEU A 95 36.53 5.53 -16.59
CA LEU A 95 35.45 5.56 -15.61
C LEU A 95 35.48 4.33 -14.71
N LYS A 96 35.61 3.16 -15.32
CA LYS A 96 35.66 1.91 -14.57
C LYS A 96 36.77 1.96 -13.54
N GLU A 97 37.92 2.47 -13.94
CA GLU A 97 39.08 2.56 -13.06
C GLU A 97 38.77 3.35 -11.81
N ASP A 98 38.32 4.60 -12.00
CA ASP A 98 37.97 5.47 -10.88
C ASP A 98 37.01 4.78 -9.93
N ILE A 99 35.97 4.16 -10.50
CA ILE A 99 34.98 3.45 -9.70
C ILE A 99 35.72 2.46 -8.79
N LEU A 100 36.54 1.62 -9.41
CA LEU A 100 37.31 0.62 -8.67
C LEU A 100 38.19 1.25 -7.59
N ASP A 101 38.84 2.37 -7.92
CA ASP A 101 39.68 3.08 -6.96
C ASP A 101 38.85 3.50 -5.75
N ALA A 102 37.66 4.01 -6.05
CA ALA A 102 36.74 4.45 -5.01
C ALA A 102 36.41 3.29 -4.06
N LEU A 103 36.18 2.11 -4.63
CA LEU A 103 35.86 0.94 -3.81
C LEU A 103 37.00 0.59 -2.86
N ASP A 104 38.21 0.47 -3.39
CA ASP A 104 39.40 0.16 -2.58
C ASP A 104 39.52 1.19 -1.45
N TRP A 105 39.29 2.45 -1.82
CA TRP A 105 39.38 3.55 -0.88
C TRP A 105 38.44 3.36 0.30
N LEU A 106 37.26 2.79 0.04
CA LEU A 106 36.28 2.57 1.10
C LEU A 106 36.56 1.34 1.92
N TYR A 107 37.23 0.36 1.33
CA TYR A 107 37.55 -0.88 2.04
C TYR A 107 38.35 -0.60 3.31
N VAL A 108 39.37 0.23 3.17
CA VAL A 108 40.24 0.57 4.29
C VAL A 108 39.76 1.76 5.10
N ASN A 109 39.25 2.78 4.41
CA ASN A 109 38.81 3.99 5.09
C ASN A 109 37.41 3.99 5.69
N SER A 110 36.52 3.12 5.23
CA SER A 110 35.16 3.13 5.78
C SER A 110 34.37 1.82 5.89
N TYR A 111 34.42 0.99 4.86
CA TYR A 111 33.65 -0.26 4.87
C TYR A 111 34.53 -1.52 4.90
N ASN A 112 34.64 -2.15 6.06
CA ASN A 112 35.45 -3.36 6.20
C ASN A 112 35.09 -4.13 7.46
N SER A 113 35.88 -5.16 7.75
CA SER A 113 35.67 -6.01 8.92
C SER A 113 35.89 -5.34 10.27
N THR A 114 36.27 -4.07 10.25
CA THR A 114 36.52 -3.32 11.49
C THR A 114 35.21 -2.94 12.17
N ARG A 115 34.30 -2.38 11.38
CA ARG A 115 33.00 -1.92 11.87
C ARG A 115 32.14 -3.02 12.48
N SER A 116 31.31 -2.62 13.44
CA SER A 116 30.41 -3.54 14.10
C SER A 116 29.32 -3.92 13.12
N ARG A 117 28.96 -5.21 13.12
CA ARG A 117 27.92 -5.69 12.25
C ARG A 117 26.62 -5.08 12.77
N SER A 118 26.68 -4.54 13.98
CA SER A 118 25.52 -3.96 14.64
C SER A 118 25.58 -2.44 14.78
N ALA A 119 26.50 -1.79 14.07
CA ALA A 119 26.62 -0.32 14.13
C ALA A 119 25.25 0.29 13.86
N TYR A 120 25.12 1.60 14.06
CA TYR A 120 23.82 2.20 13.81
C TYR A 120 23.38 2.02 12.37
N ASN A 121 22.17 1.50 12.26
CA ASN A 121 21.51 1.18 11.01
C ASN A 121 22.25 0.06 10.35
N TRP A 122 22.00 -1.14 10.88
CA TRP A 122 22.60 -2.37 10.39
C TRP A 122 22.08 -2.58 8.98
N TRP A 123 20.85 -2.14 8.73
CA TRP A 123 20.28 -2.32 7.41
C TRP A 123 21.27 -1.87 6.35
N HIS A 124 21.90 -0.72 6.58
CA HIS A 124 22.89 -0.21 5.63
C HIS A 124 24.15 -1.08 5.62
N TRP A 125 24.68 -1.36 6.81
CA TRP A 125 25.89 -2.15 6.93
C TRP A 125 25.74 -3.60 6.46
N GLN A 126 24.58 -4.19 6.72
CA GLN A 126 24.34 -5.59 6.35
C GLN A 126 23.57 -5.88 5.06
N LEU A 127 22.77 -4.92 4.59
CA LEU A 127 22.00 -5.17 3.38
C LEU A 127 22.17 -4.12 2.29
N GLY A 128 21.90 -2.86 2.62
CA GLY A 128 22.03 -1.80 1.64
C GLY A 128 23.36 -1.69 0.92
N ILE A 129 24.45 -1.57 1.68
CA ILE A 129 25.79 -1.44 1.09
C ILE A 129 26.14 -2.67 0.26
N PRO A 130 26.01 -3.88 0.84
CA PRO A 130 26.31 -5.12 0.13
C PRO A 130 25.53 -5.37 -1.15
N MET A 131 24.26 -4.98 -1.20
CA MET A 131 23.48 -5.19 -2.42
C MET A 131 24.07 -4.37 -3.58
N SER A 132 24.45 -3.12 -3.29
CA SER A 132 25.05 -2.27 -4.30
C SER A 132 26.41 -2.83 -4.71
N LEU A 133 27.22 -3.18 -3.72
CA LEU A 133 28.55 -3.74 -3.98
C LEU A 133 28.46 -4.90 -4.96
N ASN A 134 27.62 -5.90 -4.64
CA ASN A 134 27.45 -7.04 -5.54
C ASN A 134 27.19 -6.59 -6.96
N ASP A 135 26.19 -5.73 -7.13
CA ASP A 135 25.85 -5.25 -8.47
C ASP A 135 27.06 -4.70 -9.19
N THR A 136 27.91 -3.97 -8.47
CA THR A 136 29.12 -3.41 -9.07
C THR A 136 30.06 -4.57 -9.43
N ALA A 137 30.26 -5.47 -8.48
CA ALA A 137 31.11 -6.64 -8.67
C ALA A 137 30.77 -7.38 -9.95
N VAL A 138 29.48 -7.61 -10.17
CA VAL A 138 29.01 -8.31 -11.35
C VAL A 138 29.28 -7.53 -12.63
N LEU A 139 29.06 -6.22 -12.60
CA LEU A 139 29.26 -5.40 -13.79
C LEU A 139 30.72 -5.26 -14.20
N LEU A 140 31.57 -4.87 -13.25
CA LEU A 140 32.98 -4.70 -13.53
C LEU A 140 33.75 -6.00 -13.34
N TYR A 141 33.02 -7.09 -13.09
CA TYR A 141 33.62 -8.41 -12.85
C TYR A 141 34.92 -8.72 -13.59
N ASP A 142 34.92 -8.54 -14.91
CA ASP A 142 36.12 -8.81 -15.70
C ASP A 142 37.28 -7.89 -15.30
N ASP A 143 37.00 -6.59 -15.28
CA ASP A 143 37.99 -5.57 -14.94
C ASP A 143 38.42 -5.56 -13.48
N ILE A 144 38.13 -6.64 -12.74
CA ILE A 144 38.48 -6.70 -11.33
C ILE A 144 39.43 -7.85 -11.03
N SER A 145 40.47 -7.58 -10.25
CA SER A 145 41.45 -8.61 -9.92
C SER A 145 41.00 -9.42 -8.71
N ALA A 146 41.69 -10.54 -8.47
CA ALA A 146 41.35 -11.44 -7.38
C ALA A 146 41.57 -10.86 -5.99
N ALA A 147 42.66 -10.13 -5.81
CA ALA A 147 42.97 -9.52 -4.52
C ALA A 147 41.95 -8.45 -4.24
N ARG A 148 41.63 -7.69 -5.29
CA ARG A 148 40.67 -6.61 -5.21
C ARG A 148 39.26 -7.18 -4.97
N MET A 149 38.87 -8.19 -5.75
CA MET A 149 37.55 -8.81 -5.64
C MET A 149 37.33 -9.60 -4.36
N ALA A 150 38.36 -9.66 -3.52
CA ALA A 150 38.29 -10.38 -2.25
C ALA A 150 37.97 -9.41 -1.13
N THR A 151 38.65 -8.27 -1.15
CA THR A 151 38.42 -7.24 -0.14
C THR A 151 36.96 -6.82 -0.18
N TYR A 152 36.31 -7.14 -1.29
CA TYR A 152 34.89 -6.80 -1.49
C TYR A 152 33.98 -7.90 -0.96
N MET A 153 34.19 -9.12 -1.45
CA MET A 153 33.38 -10.27 -1.08
C MET A 153 33.64 -10.83 0.32
N ASP A 154 34.82 -10.54 0.87
CA ASP A 154 35.14 -11.03 2.20
C ASP A 154 34.43 -10.17 3.22
N THR A 155 34.54 -8.86 3.05
CA THR A 155 33.91 -7.93 3.95
C THR A 155 32.39 -8.16 3.94
N ILE A 156 31.82 -8.35 2.74
CA ILE A 156 30.39 -8.58 2.65
C ILE A 156 29.99 -9.84 3.42
N ASP A 157 30.82 -10.88 3.33
CA ASP A 157 30.51 -12.12 4.03
C ASP A 157 30.51 -11.85 5.53
N TYR A 158 31.44 -10.99 5.97
CA TYR A 158 31.56 -10.65 7.37
C TYR A 158 30.27 -10.06 7.93
N PHE A 159 29.70 -9.12 7.19
CA PHE A 159 28.46 -8.47 7.62
C PHE A 159 27.22 -9.36 7.48
N THR A 160 27.06 -10.01 6.34
CA THR A 160 25.89 -10.86 6.15
C THR A 160 26.31 -12.24 5.62
N PRO A 161 26.56 -13.19 6.54
CA PRO A 161 26.97 -14.54 6.17
C PRO A 161 25.84 -15.57 6.17
N SER A 162 24.70 -15.23 6.75
CA SER A 162 23.58 -16.17 6.81
C SER A 162 22.21 -15.57 6.51
N ILE A 163 21.19 -16.41 6.58
CA ILE A 163 19.81 -16.01 6.36
C ILE A 163 19.08 -16.42 7.62
N GLY A 164 18.26 -15.54 8.17
CA GLY A 164 17.54 -15.90 9.38
C GLY A 164 16.59 -14.89 9.97
N LEU A 165 16.22 -13.86 9.20
CA LEU A 165 15.31 -12.84 9.70
C LEU A 165 13.88 -13.09 9.21
N THR A 166 13.06 -12.05 9.16
CA THR A 166 11.70 -12.19 8.69
C THR A 166 11.49 -11.55 7.33
N GLY A 167 10.36 -11.89 6.72
CA GLY A 167 9.98 -11.36 5.43
C GLY A 167 10.97 -10.55 4.62
N ALA A 168 10.70 -9.25 4.52
CA ALA A 168 11.55 -8.36 3.75
C ALA A 168 13.03 -8.47 4.09
N ASN A 169 13.35 -8.54 5.38
CA ASN A 169 14.74 -8.63 5.79
C ASN A 169 15.38 -9.96 5.36
N ARG A 170 14.67 -11.06 5.61
CA ARG A 170 15.16 -12.38 5.22
C ARG A 170 15.43 -12.40 3.71
N ALA A 171 14.47 -11.92 2.92
CA ALA A 171 14.63 -11.91 1.48
C ALA A 171 15.85 -11.11 1.06
N TRP A 172 16.08 -9.97 1.71
CA TRP A 172 17.23 -9.13 1.38
C TRP A 172 18.54 -9.86 1.71
N GLN A 173 18.55 -10.62 2.80
CA GLN A 173 19.73 -11.36 3.16
C GLN A 173 19.98 -12.37 2.04
N ALA A 174 18.91 -13.05 1.64
CA ALA A 174 18.99 -14.06 0.61
C ALA A 174 19.58 -13.57 -0.70
N ILE A 175 19.20 -12.37 -1.13
CA ILE A 175 19.69 -11.84 -2.38
C ILE A 175 21.16 -11.41 -2.24
N VAL A 176 21.54 -11.06 -1.02
CA VAL A 176 22.89 -10.61 -0.74
C VAL A 176 23.88 -11.79 -0.73
N VAL A 177 23.49 -12.88 -0.05
CA VAL A 177 24.33 -14.06 0.01
C VAL A 177 24.29 -14.78 -1.33
N GLY A 178 23.13 -14.74 -1.97
CA GLY A 178 22.96 -15.41 -3.25
C GLY A 178 23.79 -14.82 -4.36
N VAL A 179 23.83 -13.50 -4.47
CA VAL A 179 24.59 -12.86 -5.52
C VAL A 179 26.08 -12.97 -5.27
N ARG A 180 26.50 -12.74 -4.04
CA ARG A 180 27.92 -12.83 -3.74
C ARG A 180 28.34 -14.29 -3.87
N ALA A 181 27.36 -15.19 -3.90
CA ALA A 181 27.64 -16.61 -4.04
C ALA A 181 28.00 -16.97 -5.49
N VAL A 182 27.34 -16.34 -6.46
CA VAL A 182 27.63 -16.65 -7.85
C VAL A 182 28.89 -15.94 -8.36
N ILE A 183 29.37 -14.95 -7.62
CA ILE A 183 30.58 -14.26 -8.05
C ILE A 183 31.79 -14.95 -7.42
N VAL A 184 31.61 -15.51 -6.22
CA VAL A 184 32.67 -16.21 -5.54
C VAL A 184 32.53 -17.68 -5.89
N LYS A 185 31.63 -17.94 -6.85
CA LYS A 185 31.37 -19.29 -7.30
C LYS A 185 31.30 -20.27 -6.13
N ASP A 186 30.38 -20.01 -5.19
CA ASP A 186 30.21 -20.88 -4.05
C ASP A 186 28.81 -21.53 -4.17
N ALA A 187 28.73 -22.82 -3.86
CA ALA A 187 27.46 -23.52 -3.98
C ALA A 187 26.78 -23.70 -2.64
N VAL A 188 27.58 -23.93 -1.60
CA VAL A 188 27.01 -24.11 -0.28
C VAL A 188 26.15 -22.90 0.03
N LYS A 189 26.72 -21.71 -0.15
CA LYS A 189 26.02 -20.45 0.09
C LYS A 189 24.79 -20.36 -0.81
N LEU A 190 25.02 -20.40 -2.12
CA LEU A 190 23.96 -20.30 -3.10
C LEU A 190 22.73 -21.14 -2.80
N ALA A 191 22.93 -22.32 -2.23
CA ALA A 191 21.80 -23.19 -1.90
C ALA A 191 21.14 -22.73 -0.60
N ALA A 192 21.90 -22.04 0.23
CA ALA A 192 21.39 -21.52 1.50
C ALA A 192 20.54 -20.29 1.19
N ALA A 193 20.77 -19.72 0.01
CA ALA A 193 20.04 -18.55 -0.42
C ALA A 193 18.69 -19.01 -0.96
N ARG A 194 18.72 -20.00 -1.85
CA ARG A 194 17.48 -20.53 -2.41
C ARG A 194 16.58 -21.04 -1.29
N ASN A 195 17.18 -21.73 -0.33
CA ASN A 195 16.45 -22.27 0.82
C ASN A 195 15.87 -21.19 1.71
N GLY A 196 16.54 -20.03 1.75
CA GLY A 196 16.09 -18.93 2.57
C GLY A 196 14.65 -18.52 2.29
N LEU A 197 14.27 -18.52 1.02
CA LEU A 197 12.92 -18.16 0.62
C LEU A 197 11.84 -19.00 1.28
N SER A 198 12.22 -20.17 1.80
CA SER A 198 11.25 -21.04 2.46
C SER A 198 11.08 -20.62 3.91
N GLY A 199 11.83 -19.59 4.31
CA GLY A 199 11.78 -19.09 5.68
C GLY A 199 10.59 -18.23 6.05
N THR A 200 10.50 -17.91 7.34
CA THR A 200 9.43 -17.09 7.90
C THR A 200 9.27 -15.76 7.20
N GLY A 201 8.02 -15.41 6.89
CA GLY A 201 7.74 -14.15 6.23
C GLY A 201 7.80 -14.19 4.71
N ILE A 202 8.10 -15.34 4.11
CA ILE A 202 8.16 -15.41 2.66
C ILE A 202 7.22 -16.45 2.03
N PHE A 203 7.76 -17.53 1.48
CA PHE A 203 6.92 -18.55 0.87
C PHE A 203 5.74 -19.03 1.71
N PRO A 204 6.00 -19.48 2.95
CA PRO A 204 4.94 -19.96 3.84
C PRO A 204 4.09 -18.87 4.48
N TYR A 205 2.78 -19.06 4.46
CA TYR A 205 1.84 -18.11 5.03
C TYR A 205 2.10 -17.97 6.52
N ALA A 206 1.70 -16.83 7.07
CA ALA A 206 1.87 -16.58 8.49
C ALA A 206 0.50 -16.53 9.14
N THR A 207 0.42 -16.94 10.41
CA THR A 207 -0.85 -16.92 11.14
C THR A 207 -0.75 -15.86 12.21
N GLY A 208 0.42 -15.22 12.27
CA GLY A 208 0.68 -14.17 13.24
C GLY A 208 2.04 -13.60 12.93
N GLY A 209 2.23 -12.31 13.15
CA GLY A 209 3.52 -11.72 12.88
C GLY A 209 3.78 -11.42 11.41
N ASP A 210 5.03 -11.17 11.08
CA ASP A 210 5.44 -10.83 9.72
C ASP A 210 5.12 -11.89 8.68
N GLY A 211 4.91 -11.45 7.44
CA GLY A 211 4.63 -12.35 6.36
C GLY A 211 3.28 -12.14 5.70
N PHE A 212 3.01 -12.97 4.69
CA PHE A 212 1.76 -12.93 3.95
C PHE A 212 0.75 -13.85 4.62
N TYR A 213 -0.51 -13.48 4.55
CA TYR A 213 -1.58 -14.28 5.14
C TYR A 213 -2.47 -14.83 4.04
N ALA A 214 -3.18 -15.90 4.36
CA ALA A 214 -4.08 -16.53 3.40
C ALA A 214 -5.14 -15.57 2.88
N ASP A 215 -5.46 -14.53 3.64
CA ASP A 215 -6.46 -13.57 3.19
C ASP A 215 -5.90 -12.44 2.33
N GLY A 216 -4.61 -12.52 1.99
CA GLY A 216 -4.01 -11.51 1.14
C GLY A 216 -3.26 -10.38 1.82
N SER A 217 -3.34 -10.33 3.14
CA SER A 217 -2.65 -9.32 3.92
C SER A 217 -1.14 -9.59 3.99
N PHE A 218 -0.38 -8.53 4.27
CA PHE A 218 1.06 -8.65 4.44
C PHE A 218 1.44 -7.76 5.63
N VAL A 219 2.23 -8.33 6.53
CA VAL A 219 2.66 -7.63 7.73
C VAL A 219 4.18 -7.63 7.88
N GLN A 220 4.70 -6.53 8.43
CA GLN A 220 6.13 -6.42 8.69
C GLN A 220 6.23 -5.63 10.00
N HIS A 221 7.31 -5.86 10.73
CA HIS A 221 7.54 -5.21 12.02
C HIS A 221 6.42 -5.59 12.99
N THR A 222 5.90 -6.79 12.78
CA THR A 222 4.86 -7.41 13.60
C THR A 222 3.45 -6.80 13.68
N THR A 223 3.34 -5.48 13.72
CA THR A 223 1.99 -4.89 13.82
C THR A 223 1.59 -3.86 12.78
N PHE A 224 2.28 -3.82 11.65
CA PHE A 224 1.93 -2.84 10.63
C PHE A 224 1.61 -3.44 9.25
N ALA A 225 0.53 -2.95 8.63
CA ALA A 225 0.14 -3.39 7.30
C ALA A 225 1.16 -2.77 6.36
N TYR A 226 1.95 -3.59 5.70
CA TYR A 226 3.02 -3.07 4.84
C TYR A 226 3.06 -3.55 3.39
N THR A 227 1.99 -4.18 2.92
CA THR A 227 1.97 -4.67 1.55
C THR A 227 2.70 -3.79 0.54
N GLY A 228 2.44 -2.49 0.57
CA GLY A 228 3.07 -1.60 -0.37
C GLY A 228 4.42 -1.04 0.02
N GLY A 229 4.90 -1.41 1.21
CA GLY A 229 6.20 -0.93 1.68
C GLY A 229 7.22 -2.05 1.69
N TYR A 230 7.40 -2.69 2.84
CA TYR A 230 8.35 -3.79 2.95
C TYR A 230 7.85 -4.90 2.02
N GLY A 231 6.53 -4.98 1.86
CA GLY A 231 5.94 -5.98 1.00
C GLY A 231 6.44 -5.79 -0.42
N SER A 232 6.46 -4.52 -0.84
CA SER A 232 6.92 -4.16 -2.16
C SER A 232 8.34 -4.69 -2.36
N SER A 233 9.21 -4.49 -1.36
CA SER A 233 10.58 -4.98 -1.44
C SER A 233 10.63 -6.49 -1.54
N VAL A 234 9.89 -7.17 -0.67
CA VAL A 234 9.83 -8.63 -0.67
C VAL A 234 9.52 -9.16 -2.07
N LEU A 235 8.45 -8.64 -2.67
CA LEU A 235 8.04 -9.06 -4.01
C LEU A 235 9.20 -8.94 -4.98
N GLU A 236 9.81 -7.76 -5.00
CA GLU A 236 10.93 -7.46 -5.89
C GLU A 236 12.14 -8.39 -5.76
N THR A 237 12.70 -8.46 -4.55
CA THR A 237 13.87 -9.30 -4.35
C THR A 237 13.55 -10.78 -4.57
N THR A 238 12.46 -11.26 -3.99
CA THR A 238 12.08 -12.65 -4.14
C THR A 238 11.93 -13.02 -5.61
N ALA A 239 11.31 -12.12 -6.37
CA ALA A 239 11.10 -12.34 -7.80
C ALA A 239 12.45 -12.36 -8.50
N ASN A 240 13.30 -11.39 -8.18
CA ASN A 240 14.61 -11.30 -8.80
C ASN A 240 15.49 -12.51 -8.53
N LEU A 241 15.43 -13.02 -7.30
CA LEU A 241 16.24 -14.17 -6.93
C LEU A 241 15.67 -15.45 -7.54
N MET A 242 14.34 -15.55 -7.59
CA MET A 242 13.70 -16.73 -8.16
C MET A 242 13.98 -16.84 -9.65
N TYR A 243 14.10 -15.69 -10.32
CA TYR A 243 14.38 -15.64 -11.75
C TYR A 243 15.83 -16.00 -12.04
N LEU A 244 16.73 -15.58 -11.16
CA LEU A 244 18.14 -15.89 -11.33
C LEU A 244 18.33 -17.40 -11.22
N LEU A 245 17.66 -17.98 -10.22
CA LEU A 245 17.77 -19.41 -9.94
C LEU A 245 16.93 -20.32 -10.84
N SER A 246 16.00 -19.74 -11.58
CA SER A 246 15.14 -20.53 -12.44
C SER A 246 15.92 -21.19 -13.57
N GLY A 247 15.76 -22.51 -13.71
CA GLY A 247 16.44 -23.22 -14.76
C GLY A 247 17.86 -23.67 -14.42
N SER A 248 18.29 -23.41 -13.20
CA SER A 248 19.64 -23.80 -12.78
C SER A 248 19.53 -25.00 -11.85
N THR A 249 20.66 -25.55 -11.44
CA THR A 249 20.63 -26.70 -10.55
C THR A 249 20.20 -26.26 -9.16
N TRP A 250 20.17 -24.94 -8.97
CA TRP A 250 19.75 -24.36 -7.69
C TRP A 250 18.40 -23.69 -7.88
N SER A 251 17.58 -24.27 -8.75
CA SER A 251 16.26 -23.75 -9.03
C SER A 251 15.36 -23.95 -7.81
N VAL A 252 14.37 -23.09 -7.63
CA VAL A 252 13.49 -23.22 -6.48
C VAL A 252 12.60 -24.45 -6.66
N SER A 253 12.54 -25.28 -5.64
CA SER A 253 11.75 -26.49 -5.68
C SER A 253 10.66 -26.55 -4.64
N ASP A 254 10.77 -25.74 -3.59
CA ASP A 254 9.76 -25.72 -2.53
C ASP A 254 8.39 -25.61 -3.17
N PRO A 255 7.41 -26.41 -2.69
CA PRO A 255 6.04 -26.41 -3.22
C PRO A 255 5.27 -25.14 -2.91
N ASN A 256 5.69 -24.45 -1.84
CA ASN A 256 5.02 -23.23 -1.43
C ASN A 256 5.24 -22.04 -2.37
N GLN A 257 6.19 -22.16 -3.30
CA GLN A 257 6.43 -21.06 -4.22
C GLN A 257 5.13 -20.73 -4.96
N SER A 258 4.21 -21.68 -4.96
CA SER A 258 2.91 -21.48 -5.62
C SER A 258 2.20 -20.29 -5.00
N ASN A 259 2.50 -20.06 -3.72
CA ASN A 259 1.91 -18.95 -2.97
C ASN A 259 2.26 -17.59 -3.56
N VAL A 260 3.44 -17.51 -4.17
CA VAL A 260 3.90 -16.29 -4.80
C VAL A 260 2.93 -15.82 -5.89
N TRP A 261 2.33 -16.77 -6.60
CA TRP A 261 1.38 -16.45 -7.67
C TRP A 261 0.12 -15.80 -7.08
N GLN A 262 -0.31 -16.31 -5.93
CA GLN A 262 -1.48 -15.79 -5.25
C GLN A 262 -1.25 -14.41 -4.69
N TRP A 263 0.00 -14.10 -4.34
CA TRP A 263 0.33 -12.79 -3.81
C TRP A 263 -0.18 -11.75 -4.81
N ILE A 264 0.16 -11.94 -6.07
CA ILE A 264 -0.25 -11.01 -7.11
C ILE A 264 -1.76 -10.85 -7.18
N TYR A 265 -2.45 -11.98 -7.25
CA TYR A 265 -3.90 -11.99 -7.34
C TYR A 265 -4.64 -11.39 -6.15
N GLU A 266 -4.29 -11.84 -4.96
CA GLU A 266 -4.98 -11.38 -3.75
C GLU A 266 -4.30 -10.31 -2.93
N ALA A 267 -2.97 -10.30 -2.91
CA ALA A 267 -2.22 -9.32 -2.13
C ALA A 267 -1.96 -7.97 -2.81
N TYR A 268 -1.54 -7.99 -4.08
CA TYR A 268 -1.23 -6.74 -4.77
C TYR A 268 -2.27 -6.18 -5.75
N ARG A 269 -2.80 -7.04 -6.62
CA ARG A 269 -3.78 -6.62 -7.62
C ARG A 269 -4.90 -5.72 -7.09
N PRO A 270 -5.54 -6.10 -5.98
CA PRO A 270 -6.63 -5.31 -5.40
C PRO A 270 -6.21 -3.95 -4.83
N LEU A 271 -4.92 -3.80 -4.56
CA LEU A 271 -4.41 -2.56 -3.98
C LEU A 271 -3.80 -1.57 -4.97
N LEU A 272 -3.82 -1.93 -6.25
CA LEU A 272 -3.30 -1.06 -7.29
C LEU A 272 -4.45 -0.35 -7.97
N TYR A 273 -4.26 0.92 -8.29
CA TYR A 273 -5.28 1.67 -8.98
C TYR A 273 -4.67 2.60 -10.02
N LYS A 274 -4.60 2.10 -11.25
CA LYS A 274 -4.06 2.86 -12.37
C LYS A 274 -2.61 3.29 -12.21
N GLY A 275 -1.77 2.34 -11.79
CA GLY A 275 -0.37 2.62 -11.62
C GLY A 275 0.07 2.92 -10.21
N ALA A 276 -0.86 3.22 -9.33
CA ALA A 276 -0.51 3.54 -7.95
C ALA A 276 -0.75 2.43 -6.94
N MET A 277 0.13 2.33 -5.96
CA MET A 277 0.02 1.36 -4.88
C MET A 277 -0.54 2.21 -3.74
N MET A 278 -1.70 1.85 -3.21
CA MET A 278 -2.32 2.64 -2.14
C MET A 278 -1.44 2.90 -0.92
N ASP A 279 -1.29 4.18 -0.58
CA ASP A 279 -0.47 4.61 0.55
C ASP A 279 -0.86 3.96 1.88
N MET A 280 -2.13 3.62 2.03
CA MET A 280 -2.59 3.05 3.30
C MET A 280 -1.92 1.74 3.68
N VAL A 281 -1.13 1.20 2.76
CA VAL A 281 -0.47 -0.06 3.04
C VAL A 281 1.03 0.08 2.80
N ARG A 282 1.49 1.32 2.76
CA ARG A 282 2.89 1.62 2.52
C ARG A 282 3.65 2.03 3.78
N GLY A 283 2.93 2.16 4.89
CA GLY A 283 3.57 2.50 6.15
C GLY A 283 4.27 3.83 6.26
N ARG A 284 5.50 3.82 6.80
CA ARG A 284 6.24 5.06 6.98
C ARG A 284 6.84 5.57 5.67
N GLU A 285 6.73 4.76 4.63
CA GLU A 285 7.28 5.12 3.33
C GLU A 285 6.51 6.24 2.63
N ILE A 286 5.30 6.54 3.11
CA ILE A 286 4.51 7.62 2.49
C ILE A 286 5.23 8.95 2.71
N SER A 287 6.22 8.95 3.59
CA SER A 287 6.97 10.18 3.88
C SER A 287 8.19 10.36 2.97
N ARG A 288 8.45 9.39 2.11
CA ARG A 288 9.60 9.44 1.20
C ARG A 288 9.24 10.06 -0.15
N SER A 289 9.86 11.19 -0.46
CA SER A 289 9.59 11.90 -1.71
C SER A 289 9.89 11.10 -2.97
N TYR A 290 10.96 10.30 -2.94
CA TYR A 290 11.35 9.50 -4.10
C TYR A 290 10.49 8.25 -4.25
N ALA A 291 9.58 8.05 -3.30
CA ALA A 291 8.72 6.88 -3.35
C ALA A 291 7.26 7.19 -3.12
N GLN A 292 6.63 7.93 -4.03
CA GLN A 292 5.22 8.24 -3.87
C GLN A 292 4.42 7.06 -4.46
N ASP A 293 3.10 7.12 -4.46
CA ASP A 293 2.32 5.97 -4.92
C ASP A 293 2.48 5.42 -6.34
N HIS A 294 2.64 6.28 -7.34
CA HIS A 294 2.79 5.75 -8.68
C HIS A 294 4.21 5.20 -8.91
N ALA A 295 5.20 5.87 -8.34
CA ALA A 295 6.58 5.40 -8.46
C ALA A 295 6.63 4.03 -7.82
N VAL A 296 6.11 3.92 -6.60
CA VAL A 296 6.10 2.64 -5.90
C VAL A 296 5.29 1.62 -6.69
N GLY A 297 4.18 2.07 -7.27
CA GLY A 297 3.36 1.17 -8.06
C GLY A 297 4.06 0.61 -9.28
N HIS A 298 4.90 1.42 -9.91
CA HIS A 298 5.64 1.00 -11.10
C HIS A 298 6.57 -0.16 -10.72
N GLY A 299 7.18 -0.06 -9.55
CA GLY A 299 8.08 -1.09 -9.09
C GLY A 299 7.37 -2.41 -8.88
N ILE A 300 6.16 -2.33 -8.37
CA ILE A 300 5.37 -3.53 -8.15
C ILE A 300 5.10 -4.17 -9.51
N VAL A 301 4.68 -3.36 -10.47
CA VAL A 301 4.39 -3.86 -11.80
C VAL A 301 5.63 -4.42 -12.47
N ALA A 302 6.78 -3.82 -12.20
CA ALA A 302 8.04 -4.31 -12.77
C ALA A 302 8.30 -5.71 -12.23
N SER A 303 8.03 -5.92 -10.96
CA SER A 303 8.25 -7.25 -10.37
C SER A 303 7.32 -8.26 -11.02
N ILE A 304 6.18 -7.80 -11.51
CA ILE A 304 5.24 -8.70 -12.17
C ILE A 304 5.82 -9.10 -13.52
N VAL A 305 6.37 -8.12 -14.24
CA VAL A 305 6.95 -8.39 -15.55
C VAL A 305 8.09 -9.39 -15.39
N ARG A 306 8.90 -9.19 -14.35
CA ARG A 306 10.00 -10.08 -14.09
C ARG A 306 9.41 -11.47 -13.85
N LEU A 307 8.46 -11.53 -12.93
CA LEU A 307 7.80 -12.80 -12.59
C LEU A 307 7.24 -13.55 -13.82
N ALA A 308 6.75 -12.80 -14.80
CA ALA A 308 6.17 -13.39 -16.00
C ALA A 308 7.18 -14.06 -16.92
N GLN A 309 8.46 -14.00 -16.57
CA GLN A 309 9.49 -14.59 -17.42
C GLN A 309 9.72 -16.08 -17.22
N PHE A 310 9.33 -16.60 -16.06
CA PHE A 310 9.54 -18.01 -15.76
C PHE A 310 8.33 -18.63 -15.08
N ALA A 311 7.32 -17.81 -14.84
CA ALA A 311 6.12 -18.28 -14.17
C ALA A 311 5.50 -19.41 -14.95
N PRO A 312 4.93 -20.42 -14.26
CA PRO A 312 4.31 -21.55 -14.95
C PRO A 312 3.25 -21.09 -15.95
N ALA A 313 2.90 -21.99 -16.87
CA ALA A 313 1.94 -21.72 -17.93
C ALA A 313 0.76 -20.78 -17.65
N PRO A 314 -0.16 -21.20 -16.75
CA PRO A 314 -1.32 -20.36 -16.44
C PRO A 314 -1.01 -18.93 -16.01
N HIS A 315 -0.18 -18.82 -14.98
CA HIS A 315 0.21 -17.54 -14.39
C HIS A 315 0.98 -16.54 -15.23
N ALA A 316 1.96 -17.03 -15.98
CA ALA A 316 2.76 -16.14 -16.83
C ALA A 316 1.88 -15.24 -17.71
N ALA A 317 0.94 -15.84 -18.45
CA ALA A 317 0.06 -15.07 -19.34
C ALA A 317 -0.84 -14.12 -18.56
N ALA A 318 -1.27 -14.55 -17.38
CA ALA A 318 -2.12 -13.71 -16.53
C ALA A 318 -1.31 -12.48 -16.11
N PHE A 319 -0.05 -12.69 -15.74
CA PHE A 319 0.83 -11.61 -15.34
C PHE A 319 1.01 -10.60 -16.46
N LYS A 320 1.31 -11.10 -17.65
CA LYS A 320 1.50 -10.24 -18.81
C LYS A 320 0.27 -9.37 -19.02
N GLN A 321 -0.91 -9.98 -18.88
CA GLN A 321 -2.16 -9.27 -19.06
C GLN A 321 -2.35 -8.18 -18.02
N ILE A 322 -1.99 -8.48 -16.78
CA ILE A 322 -2.16 -7.50 -15.72
C ILE A 322 -1.22 -6.32 -15.91
N ALA A 323 0.05 -6.59 -16.20
CA ALA A 323 1.01 -5.52 -16.40
C ALA A 323 0.62 -4.65 -17.59
N LYS A 324 0.19 -5.29 -18.68
CA LYS A 324 -0.19 -4.52 -19.86
C LYS A 324 -1.29 -3.52 -19.52
N ARG A 325 -2.29 -3.96 -18.77
CA ARG A 325 -3.40 -3.09 -18.38
C ARG A 325 -2.91 -1.92 -17.55
N VAL A 326 -2.00 -2.18 -16.62
CA VAL A 326 -1.49 -1.12 -15.78
C VAL A 326 -0.57 -0.13 -16.49
N ILE A 327 0.25 -0.61 -17.41
CA ILE A 327 1.14 0.30 -18.13
C ILE A 327 0.27 1.29 -18.89
N GLN A 328 -0.80 0.76 -19.50
CA GLN A 328 -1.73 1.54 -20.29
C GLN A 328 -2.60 2.51 -19.50
N GLU A 329 -3.03 2.08 -18.32
CA GLU A 329 -3.88 2.91 -17.49
C GLU A 329 -3.23 4.16 -16.93
N ASP A 330 -1.95 4.07 -16.58
CA ASP A 330 -1.27 5.19 -15.96
C ASP A 330 -0.81 6.35 -16.84
N THR A 331 -1.72 7.30 -17.08
CA THR A 331 -1.41 8.46 -17.90
C THR A 331 -0.76 9.58 -17.08
N PHE A 332 -0.62 9.35 -15.79
CA PHE A 332 0.01 10.34 -14.90
C PHE A 332 1.51 10.36 -15.07
N SER A 333 2.13 9.23 -14.78
CA SER A 333 3.58 9.07 -14.87
C SER A 333 3.89 7.85 -15.73
N SER A 334 4.69 8.03 -16.77
CA SER A 334 5.04 6.93 -17.65
C SER A 334 5.77 5.82 -16.90
N PHE A 335 5.26 4.60 -17.03
CA PHE A 335 5.86 3.43 -16.39
C PHE A 335 7.35 3.31 -16.72
N TYR A 336 7.70 3.37 -18.00
CA TYR A 336 9.08 3.25 -18.46
C TYR A 336 10.00 4.30 -17.89
N GLY A 337 9.41 5.34 -17.30
CA GLY A 337 10.19 6.42 -16.74
C GLY A 337 11.06 6.09 -15.54
N ASP A 338 10.57 5.23 -14.64
CA ASP A 338 11.32 4.91 -13.44
C ASP A 338 11.50 3.43 -13.09
N VAL A 339 11.92 2.63 -14.06
CA VAL A 339 12.18 1.21 -13.86
C VAL A 339 13.49 0.91 -14.59
N SER A 340 14.13 -0.20 -14.24
CA SER A 340 15.40 -0.58 -14.88
C SER A 340 15.25 -0.74 -16.38
N THR A 341 16.34 -0.59 -17.11
CA THR A 341 16.32 -0.72 -18.57
C THR A 341 15.89 -2.11 -19.05
N ASP A 342 16.20 -3.15 -18.27
CA ASP A 342 15.80 -4.50 -18.66
C ASP A 342 14.29 -4.63 -18.49
N THR A 343 13.75 -3.85 -17.55
CA THR A 343 12.32 -3.86 -17.28
C THR A 343 11.59 -3.27 -18.49
N ILE A 344 12.15 -2.19 -19.05
CA ILE A 344 11.55 -1.53 -20.20
C ILE A 344 11.58 -2.43 -21.43
N ARG A 345 12.61 -3.24 -21.53
CA ARG A 345 12.76 -4.15 -22.64
C ARG A 345 11.64 -5.20 -22.58
N LEU A 346 11.55 -5.88 -21.45
CA LEU A 346 10.55 -6.93 -21.25
C LEU A 346 9.10 -6.45 -21.30
N ALA A 347 8.83 -5.26 -20.79
CA ALA A 347 7.47 -4.73 -20.79
C ALA A 347 7.04 -4.37 -22.20
N LYS A 348 7.87 -3.56 -22.86
CA LYS A 348 7.60 -3.11 -24.23
C LYS A 348 7.19 -4.29 -25.12
N ALA A 349 7.78 -5.45 -24.87
CA ALA A 349 7.49 -6.66 -25.65
C ALA A 349 6.13 -7.25 -25.30
N ILE A 350 5.59 -6.84 -24.16
CA ILE A 350 4.29 -7.34 -23.75
C ILE A 350 3.23 -6.38 -24.27
N VAL A 351 3.50 -5.09 -24.13
CA VAL A 351 2.55 -4.08 -24.58
C VAL A 351 2.38 -4.09 -26.08
N ASP A 352 3.46 -4.36 -26.81
CA ASP A 352 3.38 -4.37 -28.26
C ASP A 352 2.92 -5.70 -28.84
N ASP A 353 2.94 -6.76 -28.04
CA ASP A 353 2.48 -8.06 -28.48
C ASP A 353 0.96 -7.93 -28.63
N PRO A 354 0.47 -7.84 -29.88
CA PRO A 354 -0.96 -7.69 -30.12
C PRO A 354 -1.81 -8.87 -29.63
N SER A 355 -1.19 -10.03 -29.43
CA SER A 355 -1.94 -11.19 -28.98
C SER A 355 -2.26 -11.13 -27.49
N ILE A 356 -1.55 -10.28 -26.76
CA ILE A 356 -1.78 -10.13 -25.32
C ILE A 356 -2.80 -9.03 -25.01
N ALA A 357 -3.95 -9.43 -24.48
CA ALA A 357 -4.99 -8.47 -24.15
C ALA A 357 -4.85 -8.00 -22.70
N PRO A 358 -5.23 -6.74 -22.44
CA PRO A 358 -5.14 -6.16 -21.09
C PRO A 358 -6.07 -6.93 -20.17
N ALA A 359 -5.60 -7.31 -19.00
CA ALA A 359 -6.44 -8.03 -18.05
C ALA A 359 -7.60 -7.12 -17.71
N ALA A 360 -8.70 -7.69 -17.24
CA ALA A 360 -9.85 -6.88 -16.85
C ALA A 360 -9.51 -6.07 -15.59
N ALA A 361 -10.27 -5.02 -15.34
CA ALA A 361 -10.04 -4.21 -14.14
C ALA A 361 -10.74 -4.95 -13.00
N PRO A 362 -10.17 -4.89 -11.78
CA PRO A 362 -10.82 -5.58 -10.68
C PRO A 362 -12.08 -4.86 -10.25
N ASN A 363 -13.10 -5.62 -9.87
CA ASN A 363 -14.37 -5.06 -9.45
C ASN A 363 -14.81 -5.91 -8.28
N LEU A 364 -14.47 -5.46 -7.07
CA LEU A 364 -14.80 -6.22 -5.88
C LEU A 364 -14.71 -5.42 -4.59
N TYR A 365 -14.88 -6.16 -3.50
CA TYR A 365 -14.78 -5.65 -2.15
C TYR A 365 -13.95 -6.70 -1.43
N LYS A 366 -12.85 -6.31 -0.80
CA LYS A 366 -12.04 -7.30 -0.10
C LYS A 366 -11.66 -6.85 1.31
N GLN A 367 -11.83 -7.76 2.27
CA GLN A 367 -11.51 -7.47 3.65
C GLN A 367 -10.18 -8.12 4.04
N TYR A 368 -9.18 -7.31 4.33
CA TYR A 368 -7.89 -7.86 4.74
C TYR A 368 -7.93 -7.86 6.26
N ALA A 369 -8.60 -8.87 6.81
CA ALA A 369 -8.77 -9.02 8.25
C ALA A 369 -7.48 -9.07 9.06
N ALA A 370 -6.42 -9.62 8.47
CA ALA A 370 -5.15 -9.73 9.16
C ALA A 370 -4.37 -8.43 9.30
N MET A 371 -4.79 -7.37 8.62
CA MET A 371 -4.08 -6.10 8.74
C MET A 371 -4.98 -4.88 8.85
N ASP A 372 -6.23 -5.12 9.23
CA ASP A 372 -7.21 -4.05 9.41
C ASP A 372 -7.33 -3.09 8.22
N ARG A 373 -7.40 -3.64 7.02
CA ARG A 373 -7.58 -2.84 5.81
C ARG A 373 -8.75 -3.43 5.01
N ALA A 374 -9.34 -2.61 4.16
CA ALA A 374 -10.46 -3.04 3.32
C ALA A 374 -10.41 -2.20 2.04
N VAL A 375 -10.70 -2.84 0.90
CA VAL A 375 -10.66 -2.14 -0.37
C VAL A 375 -11.96 -2.30 -1.17
N LEU A 376 -12.27 -1.28 -1.96
CA LEU A 376 -13.44 -1.32 -2.83
C LEU A 376 -13.00 -0.85 -4.21
N GLN A 377 -13.19 -1.71 -5.20
CA GLN A 377 -12.82 -1.37 -6.57
C GLN A 377 -14.08 -1.39 -7.42
N ARG A 378 -14.37 -0.25 -8.04
CA ARG A 378 -15.51 -0.13 -8.93
C ARG A 378 -14.99 0.37 -10.25
N PRO A 379 -15.75 0.20 -11.32
CA PRO A 379 -15.24 0.67 -12.61
C PRO A 379 -14.69 2.10 -12.59
N GLY A 380 -15.46 3.04 -12.05
CA GLY A 380 -14.99 4.41 -12.04
C GLY A 380 -14.09 4.88 -10.91
N PHE A 381 -14.07 4.17 -9.79
CA PHE A 381 -13.25 4.60 -8.67
C PHE A 381 -12.83 3.44 -7.78
N ALA A 382 -12.13 3.76 -6.71
CA ALA A 382 -11.68 2.78 -5.74
C ALA A 382 -11.61 3.47 -4.39
N LEU A 383 -11.79 2.70 -3.32
CA LEU A 383 -11.74 3.25 -1.97
C LEU A 383 -10.82 2.44 -1.06
N GLY A 384 -9.95 3.15 -0.36
CA GLY A 384 -9.06 2.48 0.56
C GLY A 384 -9.47 2.83 1.98
N LEU A 385 -9.63 1.83 2.83
CA LEU A 385 -10.03 2.06 4.22
C LEU A 385 -8.91 1.57 5.15
N ALA A 386 -8.36 2.48 5.94
CA ALA A 386 -7.28 2.12 6.85
C ALA A 386 -7.74 2.14 8.31
N LEU A 387 -7.69 0.98 8.96
CA LEU A 387 -8.11 0.87 10.36
C LEU A 387 -6.98 0.40 11.25
N TYR A 388 -7.21 0.41 12.56
CA TYR A 388 -6.21 -0.08 13.50
C TYR A 388 -6.96 -0.64 14.71
N SER A 389 -6.24 -1.36 15.57
CA SER A 389 -6.86 -1.99 16.72
C SER A 389 -5.81 -2.56 17.66
N THR A 390 -6.22 -3.56 18.42
CA THR A 390 -5.35 -4.24 19.37
C THR A 390 -4.34 -5.10 18.60
N ARG A 391 -4.57 -5.27 17.32
CA ARG A 391 -3.69 -6.08 16.48
C ARG A 391 -2.80 -5.27 15.56
N ILE A 392 -3.30 -4.14 15.07
CA ILE A 392 -2.54 -3.30 14.16
C ILE A 392 -2.37 -1.88 14.69
N SER A 393 -1.13 -1.40 14.69
CA SER A 393 -0.83 -0.06 15.19
C SER A 393 -1.35 1.09 14.33
N SER A 394 -1.56 2.24 14.95
CA SER A 394 -2.06 3.44 14.28
C SER A 394 -1.18 3.86 13.11
N TYR A 395 0.14 3.82 13.31
CA TYR A 395 1.10 4.19 12.27
C TYR A 395 2.52 3.93 12.76
N GLU A 396 3.47 3.89 11.85
CA GLU A 396 4.86 3.66 12.23
C GLU A 396 5.71 4.88 11.96
N SER A 397 6.63 5.15 12.88
CA SER A 397 7.53 6.28 12.73
C SER A 397 8.82 6.01 13.48
N ILE A 398 9.84 5.58 12.75
CA ILE A 398 11.15 5.32 13.33
C ILE A 398 12.15 6.02 12.43
N ASN A 399 13.38 6.21 12.90
CA ASN A 399 14.42 6.86 12.11
C ASN A 399 13.99 8.23 11.61
N SER A 400 13.24 8.94 12.45
CA SER A 400 12.74 10.28 12.14
C SER A 400 12.03 10.38 10.77
N GLU A 401 11.22 9.37 10.48
CA GLU A 401 10.44 9.34 9.24
C GLU A 401 8.96 9.27 9.61
N ASN A 402 8.12 9.95 8.84
CA ASN A 402 6.68 9.93 9.06
C ASN A 402 6.30 10.41 10.46
N GLY A 403 6.69 11.65 10.78
CA GLY A 403 6.39 12.21 12.08
C GLY A 403 4.96 12.67 12.25
N ARG A 404 4.21 12.71 11.15
CA ARG A 404 2.82 13.15 11.19
C ARG A 404 1.86 12.10 10.63
N GLY A 405 2.19 10.83 10.77
CA GLY A 405 1.30 9.78 10.26
C GLY A 405 0.19 9.46 11.24
N TRP A 406 0.10 10.25 12.30
CA TRP A 406 -0.88 10.09 13.36
C TRP A 406 -2.17 9.37 13.04
N TYR A 407 -2.97 9.96 12.15
CA TYR A 407 -4.27 9.40 11.77
C TYR A 407 -4.33 8.78 10.37
N THR A 408 -3.18 8.39 9.83
CA THR A 408 -3.13 7.79 8.51
C THR A 408 -3.86 6.44 8.44
N GLY A 409 -4.00 5.79 9.58
CA GLY A 409 -4.68 4.50 9.61
C GLY A 409 -5.70 4.40 10.73
N ALA A 410 -6.33 5.53 11.07
CA ALA A 410 -7.33 5.56 12.14
C ALA A 410 -8.74 5.77 11.59
N GLY A 411 -9.16 4.90 10.67
CA GLY A 411 -10.47 5.03 10.08
C GLY A 411 -10.41 6.05 8.95
N ALA A 412 -9.25 6.07 8.30
CA ALA A 412 -9.00 6.98 7.18
C ALA A 412 -9.52 6.42 5.85
N THR A 413 -10.18 7.27 5.08
CA THR A 413 -10.67 6.86 3.78
C THR A 413 -9.78 7.46 2.68
N TYR A 414 -9.51 6.66 1.65
CA TYR A 414 -8.69 7.11 0.54
C TYR A 414 -9.48 6.85 -0.75
N LEU A 415 -9.93 7.92 -1.39
CA LEU A 415 -10.71 7.81 -2.61
C LEU A 415 -9.88 7.98 -3.88
N TYR A 416 -9.90 6.96 -4.72
CA TYR A 416 -9.13 6.98 -5.97
C TYR A 416 -10.06 7.12 -7.17
N ASN A 417 -9.74 8.08 -8.02
CA ASN A 417 -10.52 8.33 -9.23
C ASN A 417 -9.62 8.77 -10.37
N GLN A 418 -10.20 9.43 -11.37
CA GLN A 418 -9.43 9.88 -12.53
C GLN A 418 -8.26 10.78 -12.15
N ASP A 419 -8.39 11.52 -11.05
CA ASP A 419 -7.30 12.40 -10.59
C ASP A 419 -6.24 11.47 -9.99
N LEU A 420 -5.41 10.92 -10.86
CA LEU A 420 -4.36 9.98 -10.48
C LEU A 420 -3.22 10.58 -9.66
N ALA A 421 -3.16 11.90 -9.61
CA ALA A 421 -2.10 12.57 -8.87
C ALA A 421 -2.51 13.07 -7.48
N GLN A 422 -3.75 12.82 -7.09
CA GLN A 422 -4.26 13.26 -5.79
C GLN A 422 -3.27 13.06 -4.65
N TYR A 423 -2.72 11.86 -4.53
CA TYR A 423 -1.80 11.55 -3.45
C TYR A 423 -0.32 11.65 -3.81
N SER A 424 -0.05 12.07 -5.03
CA SER A 424 1.33 12.27 -5.47
C SER A 424 1.52 13.77 -5.55
N GLU A 425 2.59 14.21 -6.21
CA GLU A 425 2.87 15.63 -6.34
C GLU A 425 2.91 16.35 -5.01
N ASP A 426 3.63 15.77 -4.05
CA ASP A 426 3.82 16.36 -2.74
C ASP A 426 2.56 16.59 -1.92
N TYR A 427 1.72 15.57 -1.86
CA TYR A 427 0.49 15.64 -1.09
C TYR A 427 0.84 15.63 0.40
N TRP A 428 1.51 14.56 0.81
CA TRP A 428 1.90 14.35 2.20
C TRP A 428 2.55 15.48 2.99
N PRO A 429 3.55 16.16 2.42
CA PRO A 429 4.18 17.24 3.17
C PRO A 429 3.40 18.56 3.21
N THR A 430 2.23 18.61 2.58
CA THR A 430 1.45 19.84 2.57
C THR A 430 0.05 19.68 3.18
N VAL A 431 -0.51 18.48 3.09
CA VAL A 431 -1.85 18.23 3.64
C VAL A 431 -1.87 18.44 5.15
N ASP A 432 -2.98 18.93 5.68
CA ASP A 432 -3.07 19.12 7.13
C ASP A 432 -3.12 17.73 7.73
N ALA A 433 -2.02 17.34 8.37
CA ALA A 433 -1.93 16.00 8.96
C ALA A 433 -2.92 15.76 10.11
N TYR A 434 -3.57 16.81 10.60
CA TYR A 434 -4.53 16.65 11.69
C TYR A 434 -5.92 16.40 11.15
N ARG A 435 -6.08 16.48 9.83
CA ARG A 435 -7.38 16.26 9.22
C ARG A 435 -7.36 15.30 8.06
N ILE A 436 -7.21 14.02 8.38
CA ILE A 436 -7.21 12.97 7.38
C ILE A 436 -8.66 12.57 7.18
N PRO A 437 -9.15 12.64 5.94
CA PRO A 437 -10.54 12.29 5.66
C PRO A 437 -11.05 10.99 6.30
N GLY A 438 -12.31 11.03 6.71
CA GLY A 438 -12.95 9.88 7.32
C GLY A 438 -12.77 9.72 8.81
N THR A 439 -11.69 10.29 9.34
CA THR A 439 -11.37 10.18 10.76
C THR A 439 -12.05 11.16 11.70
N THR A 440 -12.06 10.79 12.98
CA THR A 440 -12.65 11.60 14.03
C THR A 440 -11.52 11.83 15.03
N VAL A 441 -11.21 13.09 15.28
CA VAL A 441 -10.10 13.41 16.18
C VAL A 441 -10.33 14.65 17.02
N ALA A 442 -9.45 14.86 17.99
CA ALA A 442 -9.52 16.03 18.83
C ALA A 442 -8.71 17.03 18.00
N SER A 443 -9.36 18.10 17.62
CA SER A 443 -8.74 19.12 16.79
C SER A 443 -7.30 19.47 17.15
N GLY A 444 -6.43 19.42 16.15
CA GLY A 444 -5.04 19.79 16.33
C GLY A 444 -4.17 19.06 17.34
N THR A 445 -4.64 17.94 17.87
CA THR A 445 -3.84 17.18 18.82
C THR A 445 -3.56 15.80 18.23
N PRO A 446 -2.36 15.27 18.43
CA PRO A 446 -2.04 13.95 17.87
C PRO A 446 -2.23 12.77 18.80
N ILE A 447 -1.95 11.58 18.26
CA ILE A 447 -2.03 10.33 19.01
C ILE A 447 -0.67 9.66 18.80
N ALA A 448 -0.33 8.69 19.62
CA ALA A 448 0.95 8.02 19.51
C ALA A 448 0.97 6.80 18.61
N SER A 449 2.16 6.32 18.31
CA SER A 449 2.33 5.12 17.48
C SER A 449 2.10 3.90 18.36
N GLY A 450 1.15 3.07 17.98
CA GLY A 450 0.89 1.89 18.78
C GLY A 450 -0.48 1.32 18.54
N THR A 451 -0.66 0.08 18.99
CA THR A 451 -1.92 -0.63 18.85
C THR A 451 -2.96 -0.03 19.79
N GLY A 452 -4.23 -0.24 19.45
CA GLY A 452 -5.31 0.26 20.27
C GLY A 452 -5.73 -0.73 21.34
N THR A 453 -6.82 -0.41 22.03
CA THR A 453 -7.33 -1.25 23.10
C THR A 453 -8.60 -2.00 22.76
N SER A 454 -9.18 -1.71 21.60
CA SER A 454 -10.39 -2.41 21.20
C SER A 454 -10.06 -3.45 20.14
N SER A 455 -10.73 -4.58 20.23
CA SER A 455 -10.53 -5.68 19.30
C SER A 455 -11.50 -5.61 18.12
N TRP A 456 -12.59 -4.87 18.31
CA TRP A 456 -13.60 -4.73 17.26
C TRP A 456 -13.10 -3.83 16.13
N THR A 457 -12.45 -4.47 15.16
CA THR A 457 -11.92 -3.78 13.98
C THR A 457 -11.88 -4.80 12.85
N GLY A 458 -12.80 -4.66 11.91
CA GLY A 458 -12.86 -5.57 10.78
C GLY A 458 -14.14 -5.34 10.01
N GLY A 459 -14.63 -6.37 9.35
CA GLY A 459 -15.85 -6.21 8.61
C GLY A 459 -16.30 -7.51 7.98
N VAL A 460 -17.37 -7.42 7.19
CA VAL A 460 -17.89 -8.59 6.51
C VAL A 460 -17.89 -8.34 5.00
N SER A 461 -17.82 -9.42 4.23
CA SER A 461 -17.83 -9.33 2.78
C SER A 461 -18.92 -10.22 2.24
N LEU A 462 -19.87 -9.64 1.50
CA LEU A 462 -20.95 -10.42 0.91
C LEU A 462 -20.55 -10.91 -0.47
N ALA A 463 -19.96 -12.10 -0.51
CA ALA A 463 -19.52 -12.71 -1.77
C ALA A 463 -18.55 -11.82 -2.53
N GLY A 464 -17.72 -11.09 -1.79
CA GLY A 464 -16.74 -10.22 -2.42
C GLY A 464 -17.29 -9.15 -3.36
N GLN A 465 -18.59 -8.87 -3.29
CA GLN A 465 -19.19 -7.84 -4.12
C GLN A 465 -19.38 -6.56 -3.33
N TYR A 466 -19.94 -6.71 -2.13
CA TYR A 466 -20.21 -5.58 -1.25
C TYR A 466 -19.65 -5.88 0.12
N GLY A 467 -19.62 -4.87 1.00
CA GLY A 467 -19.11 -5.09 2.33
C GLY A 467 -19.42 -3.99 3.33
N ALA A 468 -18.94 -4.20 4.54
CA ALA A 468 -19.13 -3.25 5.65
C ALA A 468 -17.95 -3.41 6.59
N SER A 469 -17.49 -2.29 7.12
CA SER A 469 -16.38 -2.33 8.04
C SER A 469 -16.75 -1.52 9.27
N GLY A 470 -15.95 -1.69 10.32
CA GLY A 470 -16.19 -0.96 11.54
C GLY A 470 -14.92 -0.87 12.34
N MET A 471 -14.88 0.13 13.21
CA MET A 471 -13.75 0.35 14.08
C MET A 471 -14.29 0.97 15.35
N ASP A 472 -14.01 0.31 16.47
CA ASP A 472 -14.43 0.80 17.78
C ASP A 472 -13.33 1.75 18.22
N LEU A 473 -13.58 3.04 18.09
CA LEU A 473 -12.57 4.04 18.42
C LEU A 473 -12.44 4.34 19.91
N SER A 474 -11.19 4.46 20.34
CA SER A 474 -10.86 4.75 21.72
C SER A 474 -9.36 5.03 21.76
N TYR A 475 -9.00 6.30 21.73
CA TYR A 475 -7.60 6.70 21.76
C TYR A 475 -7.02 6.61 23.17
N GLY A 476 -5.72 6.37 23.26
CA GLY A 476 -5.07 6.31 24.56
C GLY A 476 -4.50 7.68 24.89
N ALA A 477 -3.98 8.35 23.87
CA ALA A 477 -3.37 9.65 24.03
C ALA A 477 -4.29 10.66 24.70
N TYR A 478 -5.60 10.48 24.51
CA TYR A 478 -6.58 11.38 25.09
C TYR A 478 -7.98 10.79 25.01
N ASN A 479 -8.82 11.11 25.98
CA ASN A 479 -10.16 10.58 26.02
C ASN A 479 -11.01 10.92 24.80
N LEU A 480 -11.44 9.87 24.12
CA LEU A 480 -12.30 10.01 22.97
C LEU A 480 -12.70 8.64 22.52
N SER A 481 -14.00 8.42 22.43
CA SER A 481 -14.50 7.14 21.97
C SER A 481 -15.62 7.38 20.96
N ALA A 482 -15.75 6.47 20.01
CA ALA A 482 -16.80 6.58 19.01
C ALA A 482 -16.95 5.24 18.32
N ARG A 483 -18.05 5.09 17.60
CA ARG A 483 -18.30 3.88 16.84
C ARG A 483 -18.37 4.29 15.38
N LYS A 484 -17.39 3.86 14.60
CA LYS A 484 -17.33 4.22 13.21
C LYS A 484 -17.54 3.04 12.26
N SER A 485 -18.46 3.22 11.32
CA SER A 485 -18.75 2.19 10.35
C SER A 485 -18.77 2.79 8.94
N TRP A 486 -18.62 1.90 7.96
CA TRP A 486 -18.63 2.28 6.55
C TRP A 486 -19.33 1.13 5.87
N PHE A 487 -20.17 1.43 4.89
CA PHE A 487 -20.88 0.41 4.16
C PHE A 487 -20.62 0.66 2.68
N MET A 488 -19.97 -0.30 2.03
CA MET A 488 -19.67 -0.15 0.61
C MET A 488 -20.70 -0.87 -0.23
N PHE A 489 -21.35 -0.12 -1.11
CA PHE A 489 -22.36 -0.68 -1.99
C PHE A 489 -21.86 -0.63 -3.44
N ASP A 490 -22.74 -0.31 -4.38
CA ASP A 490 -22.35 -0.26 -5.79
C ASP A 490 -21.77 1.09 -6.22
N ASP A 491 -22.42 2.19 -5.86
CA ASP A 491 -21.92 3.50 -6.28
C ASP A 491 -21.88 4.55 -5.17
N GLU A 492 -22.07 4.11 -3.93
CA GLU A 492 -22.01 5.03 -2.81
C GLU A 492 -21.43 4.34 -1.58
N ILE A 493 -20.72 5.10 -0.76
CA ILE A 493 -20.14 4.58 0.48
C ILE A 493 -20.77 5.37 1.63
N VAL A 494 -21.42 4.67 2.55
CA VAL A 494 -22.06 5.31 3.68
C VAL A 494 -21.19 5.24 4.91
N ALA A 495 -21.00 6.39 5.55
CA ALA A 495 -20.18 6.47 6.76
C ALA A 495 -21.04 6.91 7.95
N LEU A 496 -21.07 6.08 8.99
CA LEU A 496 -21.85 6.37 10.18
C LEU A 496 -20.99 6.45 11.42
N GLY A 497 -21.38 7.34 12.34
CA GLY A 497 -20.66 7.50 13.57
C GLY A 497 -21.61 7.71 14.72
N SER A 498 -21.31 7.10 15.87
CA SER A 498 -22.17 7.24 17.04
C SER A 498 -21.35 7.02 18.31
N GLY A 499 -21.97 7.27 19.45
CA GLY A 499 -21.30 7.10 20.73
C GLY A 499 -20.09 8.02 20.85
N ILE A 500 -20.11 9.11 20.09
CA ILE A 500 -19.01 10.07 20.12
C ILE A 500 -19.03 10.82 21.44
N SER A 501 -18.10 10.46 22.32
CA SER A 501 -18.01 11.09 23.62
C SER A 501 -16.57 11.38 23.99
N SER A 502 -16.37 12.43 24.75
CA SER A 502 -15.03 12.82 25.17
C SER A 502 -15.10 13.74 26.36
N THR A 503 -13.97 13.83 27.06
CA THR A 503 -13.84 14.69 28.23
C THR A 503 -12.51 15.42 28.11
N ALA A 504 -11.84 15.22 26.98
CA ALA A 504 -10.53 15.82 26.73
C ALA A 504 -10.54 17.33 26.89
N GLY A 505 -11.70 17.94 26.75
CA GLY A 505 -11.78 19.39 26.87
C GLY A 505 -11.25 20.03 25.59
N ILE A 506 -11.24 19.26 24.51
CA ILE A 506 -10.79 19.74 23.22
C ILE A 506 -11.86 19.51 22.17
N PRO A 507 -12.11 20.50 21.31
CA PRO A 507 -13.13 20.31 20.28
C PRO A 507 -12.89 19.08 19.42
N ILE A 508 -13.89 18.20 19.38
CA ILE A 508 -13.84 16.97 18.60
C ILE A 508 -14.46 17.26 17.23
N GLU A 509 -13.87 16.68 16.19
CA GLU A 509 -14.39 16.88 14.84
C GLU A 509 -14.21 15.64 13.97
N THR A 510 -15.08 15.49 12.98
CA THR A 510 -15.02 14.37 12.04
C THR A 510 -14.78 15.00 10.69
N VAL A 511 -13.73 14.56 10.01
CA VAL A 511 -13.39 15.15 8.73
C VAL A 511 -13.99 14.38 7.56
N VAL A 512 -14.92 15.04 6.87
CA VAL A 512 -15.60 14.46 5.73
C VAL A 512 -14.63 14.27 4.57
N ASP A 513 -13.79 15.27 4.33
CA ASP A 513 -12.80 15.16 3.28
C ASP A 513 -11.79 16.28 3.28
N ASN A 514 -10.66 16.02 2.63
CA ASN A 514 -9.59 16.97 2.54
C ASN A 514 -8.92 16.69 1.19
N ARG A 515 -9.50 17.26 0.15
CA ARG A 515 -9.05 17.11 -1.24
C ARG A 515 -8.04 18.14 -1.74
N LYS A 516 -7.02 17.68 -2.44
CA LYS A 516 -6.03 18.57 -3.00
C LYS A 516 -6.66 19.08 -4.30
N LEU A 517 -6.73 20.40 -4.45
CA LEU A 517 -7.32 20.99 -5.66
C LEU A 517 -6.28 21.22 -6.74
N ASN A 518 -6.69 21.85 -7.83
CA ASN A 518 -5.80 22.13 -8.94
C ASN A 518 -4.86 23.30 -8.64
N GLY A 519 -3.88 23.48 -9.52
CA GLY A 519 -2.90 24.54 -9.36
C GLY A 519 -3.42 25.92 -9.03
N ALA A 520 -4.61 26.25 -9.56
CA ALA A 520 -5.21 27.55 -9.32
C ALA A 520 -6.04 27.49 -8.04
N GLY A 521 -6.47 26.27 -7.68
CA GLY A 521 -7.29 26.08 -6.50
C GLY A 521 -8.68 26.64 -6.72
N ASP A 522 -9.10 26.68 -7.98
CA ASP A 522 -10.40 27.24 -8.33
C ASP A 522 -11.50 26.24 -8.63
N ASN A 523 -11.34 24.98 -8.23
CA ASN A 523 -12.35 23.97 -8.49
C ASN A 523 -13.72 24.50 -8.11
N ALA A 524 -14.71 24.26 -8.96
CA ALA A 524 -16.07 24.72 -8.70
C ALA A 524 -16.76 23.74 -7.74
N TRP A 525 -17.52 24.28 -6.79
CA TRP A 525 -18.25 23.42 -5.86
C TRP A 525 -19.59 24.04 -5.52
N THR A 526 -20.57 23.19 -5.22
CA THR A 526 -21.91 23.67 -4.92
C THR A 526 -22.49 22.98 -3.70
N ALA A 527 -23.40 23.67 -3.01
CA ALA A 527 -24.06 23.13 -1.83
C ALA A 527 -25.54 23.43 -1.97
N ASN A 528 -26.36 22.41 -1.82
CA ASN A 528 -27.79 22.59 -1.94
C ASN A 528 -28.19 23.31 -3.22
N GLY A 529 -27.40 23.12 -4.26
CA GLY A 529 -27.70 23.72 -5.54
C GLY A 529 -27.25 25.15 -5.76
N ALA A 530 -26.33 25.63 -4.95
CA ALA A 530 -25.83 27.00 -5.07
C ALA A 530 -24.31 27.02 -5.20
N ALA A 531 -23.81 27.68 -6.24
CA ALA A 531 -22.38 27.76 -6.43
C ALA A 531 -21.76 28.48 -5.24
N LEU A 532 -20.59 28.02 -4.83
CA LEU A 532 -19.89 28.63 -3.69
C LEU A 532 -18.65 29.33 -4.20
N SER A 533 -18.15 30.28 -3.41
CA SER A 533 -16.96 31.03 -3.80
C SER A 533 -15.81 30.06 -3.99
N THR A 534 -14.91 30.37 -4.91
CA THR A 534 -13.79 29.49 -5.20
C THR A 534 -12.44 30.12 -4.87
N GLY A 535 -12.46 31.19 -4.10
CA GLY A 535 -11.21 31.85 -3.75
C GLY A 535 -10.39 31.10 -2.73
N LEU A 536 -9.08 31.26 -2.82
CA LEU A 536 -8.19 30.60 -1.88
C LEU A 536 -8.09 31.42 -0.60
N GLY A 537 -7.91 30.74 0.51
CA GLY A 537 -7.78 31.44 1.79
C GLY A 537 -9.10 31.75 2.46
N VAL A 538 -10.21 31.39 1.84
CA VAL A 538 -11.51 31.67 2.41
C VAL A 538 -12.06 30.48 3.21
N ALA A 539 -12.49 30.75 4.43
CA ALA A 539 -13.04 29.70 5.30
C ALA A 539 -14.51 30.01 5.51
N GLN A 540 -15.38 29.03 5.29
CA GLN A 540 -16.81 29.28 5.50
C GLN A 540 -17.62 28.15 6.12
N THR A 541 -18.68 28.54 6.82
CA THR A 541 -19.56 27.59 7.48
C THR A 541 -20.81 27.38 6.65
N LEU A 542 -21.12 26.11 6.43
CA LEU A 542 -22.29 25.74 5.66
C LEU A 542 -23.32 25.13 6.60
N THR A 543 -24.41 25.86 6.81
CA THR A 543 -25.47 25.41 7.70
C THR A 543 -26.60 24.76 6.91
N GLY A 544 -27.18 23.71 7.49
CA GLY A 544 -28.28 23.02 6.85
C GLY A 544 -28.06 22.50 5.43
N VAL A 545 -26.85 22.00 5.14
CA VAL A 545 -26.58 21.47 3.82
C VAL A 545 -26.98 20.00 3.73
N ASN A 546 -27.68 19.66 2.64
CA ASN A 546 -28.13 18.29 2.43
C ASN A 546 -27.18 17.60 1.48
N TRP A 547 -26.55 18.36 0.62
CA TRP A 547 -25.58 17.80 -0.29
C TRP A 547 -24.59 18.84 -0.80
N VAL A 548 -23.39 18.38 -1.08
CA VAL A 548 -22.32 19.22 -1.61
C VAL A 548 -21.75 18.53 -2.85
N HIS A 549 -21.19 19.31 -3.75
CA HIS A 549 -20.58 18.77 -4.94
C HIS A 549 -19.28 19.49 -5.15
N LEU A 550 -18.22 18.72 -5.35
CA LEU A 550 -16.91 19.28 -5.58
C LEU A 550 -16.45 18.76 -6.94
N ALA A 551 -15.97 19.66 -7.78
CA ALA A 551 -15.51 19.28 -9.10
C ALA A 551 -14.09 18.80 -8.98
N GLY A 552 -13.74 17.75 -9.72
CA GLY A 552 -12.40 17.21 -9.66
C GLY A 552 -11.38 18.02 -10.43
N ASN A 553 -10.14 17.58 -10.42
CA ASN A 553 -9.09 18.30 -11.12
C ASN A 553 -8.97 17.86 -12.58
N THR A 554 -9.86 16.97 -13.00
CA THR A 554 -9.87 16.49 -14.38
C THR A 554 -11.27 16.75 -14.93
N ALA A 555 -11.36 17.03 -16.23
CA ALA A 555 -12.64 17.30 -16.87
C ALA A 555 -13.75 16.33 -16.45
N ASP A 556 -13.48 15.04 -16.53
CA ASP A 556 -14.45 14.04 -16.14
C ASP A 556 -13.75 12.97 -15.31
N GLY A 557 -14.54 12.21 -14.56
CA GLY A 557 -13.98 11.14 -13.74
C GLY A 557 -13.38 11.46 -12.38
N SER A 558 -13.50 12.69 -11.91
CA SER A 558 -12.95 13.01 -10.59
C SER A 558 -13.83 13.89 -9.70
N ASP A 559 -15.10 14.05 -10.07
CA ASP A 559 -16.00 14.85 -9.25
C ASP A 559 -16.42 14.04 -8.02
N ILE A 560 -16.77 14.71 -6.93
CA ILE A 560 -17.20 13.98 -5.74
C ILE A 560 -18.40 14.65 -5.09
N GLY A 561 -19.39 13.84 -4.74
CA GLY A 561 -20.59 14.38 -4.12
C GLY A 561 -20.74 13.87 -2.71
N TYR A 562 -21.32 14.71 -1.86
CA TYR A 562 -21.55 14.36 -0.46
C TYR A 562 -23.02 14.55 -0.10
N TYR A 563 -23.59 13.53 0.51
CA TYR A 563 -24.99 13.58 0.93
C TYR A 563 -25.06 13.44 2.44
N PHE A 564 -25.77 14.35 3.09
CA PHE A 564 -25.92 14.29 4.54
C PHE A 564 -27.40 14.06 4.83
N PRO A 565 -27.78 12.81 5.07
CA PRO A 565 -29.17 12.45 5.36
C PRO A 565 -30.02 13.48 6.12
N GLY A 566 -29.89 13.54 7.44
CA GLY A 566 -30.69 14.49 8.19
C GLY A 566 -30.24 15.94 8.15
N GLY A 567 -29.46 16.30 7.14
CA GLY A 567 -28.95 17.65 7.06
C GLY A 567 -27.77 17.82 7.99
N ALA A 568 -26.85 18.71 7.67
CA ALA A 568 -25.67 18.92 8.51
C ALA A 568 -25.13 20.34 8.45
N THR A 569 -24.17 20.64 9.33
CA THR A 569 -23.50 21.93 9.37
C THR A 569 -22.01 21.65 9.18
N LEU A 570 -21.45 22.12 8.08
CA LEU A 570 -20.04 21.88 7.76
C LEU A 570 -19.11 23.07 7.98
N GLN A 571 -17.94 22.79 8.55
CA GLN A 571 -16.91 23.80 8.74
C GLN A 571 -15.97 23.53 7.57
N THR A 572 -15.77 24.54 6.73
CA THR A 572 -14.91 24.35 5.57
C THR A 572 -13.96 25.52 5.33
N LYS A 573 -12.89 25.24 4.60
CA LYS A 573 -11.92 26.26 4.25
C LYS A 573 -11.15 25.79 3.03
N ARG A 574 -10.77 26.72 2.18
CA ARG A 574 -10.02 26.41 0.99
C ARG A 574 -8.76 27.21 1.14
N GLU A 575 -7.61 26.55 1.13
CA GLU A 575 -6.38 27.27 1.32
C GLU A 575 -5.17 26.67 0.62
N ALA A 576 -4.11 27.47 0.56
CA ALA A 576 -2.86 27.06 -0.03
C ALA A 576 -1.95 26.72 1.15
N ARG A 577 -1.47 25.49 1.21
CA ARG A 577 -0.58 25.09 2.30
C ARG A 577 0.85 24.87 1.81
N THR A 578 1.82 25.19 2.66
CA THR A 578 3.22 25.05 2.32
C THR A 578 3.90 24.06 3.26
N GLY A 579 4.92 23.39 2.76
CA GLY A 579 5.64 22.43 3.58
C GLY A 579 6.84 21.87 2.87
N THR A 580 7.59 21.03 3.57
CA THR A 580 8.77 20.41 2.98
C THR A 580 8.74 18.93 3.34
N TRP A 581 9.38 18.11 2.53
CA TRP A 581 9.43 16.69 2.82
C TRP A 581 10.28 16.51 4.07
N LYS A 582 11.14 17.50 4.30
CA LYS A 582 12.06 17.52 5.44
C LYS A 582 11.30 17.51 6.77
N GLN A 583 10.09 18.09 6.76
CA GLN A 583 9.27 18.16 7.96
C GLN A 583 8.72 16.81 8.40
N ILE A 584 8.50 15.89 7.45
CA ILE A 584 7.96 14.57 7.78
C ILE A 584 8.98 13.46 7.49
N ASN A 585 10.23 13.85 7.33
CA ASN A 585 11.28 12.91 7.06
C ASN A 585 12.57 13.67 7.29
N ASN A 586 12.96 13.79 8.55
CA ASN A 586 14.17 14.53 8.86
C ASN A 586 15.44 13.71 8.79
N ARG A 587 15.87 13.41 7.56
CA ARG A 587 17.09 12.65 7.30
C ARG A 587 17.97 13.53 6.43
N PRO A 588 19.29 13.30 6.44
CA PRO A 588 20.19 14.11 5.63
C PRO A 588 19.82 14.27 4.14
N ALA A 589 19.61 13.15 3.46
CA ALA A 589 19.32 13.17 2.02
C ALA A 589 17.93 13.64 1.59
N THR A 590 17.10 14.12 2.50
CA THR A 590 15.76 14.55 2.09
C THR A 590 15.66 16.04 1.76
N PRO A 591 15.01 16.37 0.63
CA PRO A 591 14.79 17.73 0.11
C PRO A 591 14.18 18.70 1.12
N SER A 592 14.70 19.93 1.13
CA SER A 592 14.24 20.98 2.04
C SER A 592 13.47 22.03 1.28
N THR A 593 13.39 21.87 -0.04
CA THR A 593 12.70 22.82 -0.90
C THR A 593 11.21 22.91 -0.53
N ALA A 594 10.72 24.14 -0.39
CA ALA A 594 9.33 24.36 -0.03
C ALA A 594 8.40 24.17 -1.23
N VAL A 595 7.26 23.51 -0.99
CA VAL A 595 6.28 23.25 -2.02
C VAL A 595 4.90 23.69 -1.51
N THR A 596 4.02 24.09 -2.44
CA THR A 596 2.69 24.55 -2.07
C THR A 596 1.54 23.89 -2.83
N ARG A 597 0.57 23.36 -2.08
CA ARG A 597 -0.60 22.73 -2.69
C ARG A 597 -1.90 23.33 -2.14
N ASN A 598 -2.97 23.21 -2.91
CA ASN A 598 -4.26 23.74 -2.50
C ASN A 598 -5.18 22.64 -2.01
N TYR A 599 -5.98 22.96 -1.00
CA TYR A 599 -6.89 22.00 -0.41
C TYR A 599 -8.27 22.58 -0.15
N GLU A 600 -9.25 21.70 -0.07
CA GLU A 600 -10.62 22.05 0.25
C GLU A 600 -10.87 21.10 1.41
N THR A 601 -10.87 21.63 2.62
CA THR A 601 -11.07 20.81 3.80
C THR A 601 -12.48 20.99 4.34
N MET A 602 -13.12 19.88 4.69
CA MET A 602 -14.48 19.91 5.21
C MET A 602 -14.62 18.98 6.40
N TRP A 603 -15.24 19.47 7.46
CA TRP A 603 -15.42 18.64 8.63
C TRP A 603 -16.62 19.04 9.46
N ILE A 604 -17.07 18.10 10.28
CA ILE A 604 -18.20 18.32 11.16
C ILE A 604 -17.60 18.64 12.52
N ASP A 605 -18.16 19.65 13.17
CA ASP A 605 -17.67 20.09 14.48
C ASP A 605 -18.61 19.57 15.55
N HIS A 606 -18.11 18.62 16.35
CA HIS A 606 -18.90 18.01 17.40
C HIS A 606 -18.91 18.77 18.72
N GLY A 607 -18.23 19.91 18.74
CA GLY A 607 -18.17 20.72 19.95
C GLY A 607 -17.13 20.17 20.89
N THR A 608 -17.04 20.75 22.08
CA THR A 608 -16.08 20.33 23.09
C THR A 608 -16.78 19.41 24.10
N ASN A 609 -16.10 18.36 24.54
CA ASN A 609 -16.69 17.40 25.50
C ASN A 609 -18.08 16.97 25.07
N PRO A 610 -18.22 16.41 23.86
CA PRO A 610 -19.54 15.98 23.43
C PRO A 610 -19.83 14.63 24.04
N SER A 611 -21.10 14.27 24.15
CA SER A 611 -21.44 12.96 24.66
C SER A 611 -22.57 12.41 23.80
N GLY A 612 -22.31 11.28 23.17
CA GLY A 612 -23.30 10.65 22.32
C GLY A 612 -23.48 11.31 20.97
N ALA A 613 -22.51 12.12 20.56
CA ALA A 613 -22.58 12.80 19.27
C ALA A 613 -22.65 11.76 18.16
N SER A 614 -22.92 12.20 16.93
CA SER A 614 -23.03 11.28 15.82
C SER A 614 -22.95 11.99 14.48
N TYR A 615 -22.82 11.21 13.41
CA TYR A 615 -22.72 11.77 12.05
C TYR A 615 -23.08 10.73 11.00
N GLY A 616 -23.49 11.22 9.84
CA GLY A 616 -23.85 10.33 8.75
C GLY A 616 -23.74 10.99 7.40
N TYR A 617 -22.84 10.49 6.55
CA TYR A 617 -22.67 11.02 5.21
C TYR A 617 -22.45 9.92 4.20
N VAL A 618 -22.78 10.21 2.94
CA VAL A 618 -22.64 9.25 1.84
C VAL A 618 -21.75 9.86 0.77
N LEU A 619 -20.73 9.12 0.36
CA LEU A 619 -19.81 9.61 -0.66
C LEU A 619 -20.35 9.17 -2.01
N LEU A 620 -20.47 10.13 -2.92
CA LEU A 620 -20.98 9.83 -4.25
C LEU A 620 -19.97 10.19 -5.33
N PRO A 621 -19.06 9.26 -5.63
CA PRO A 621 -18.02 9.49 -6.65
C PRO A 621 -18.58 9.68 -8.06
N ASN A 622 -17.81 10.39 -8.88
CA ASN A 622 -18.14 10.66 -10.29
C ASN A 622 -19.54 11.09 -10.67
N LYS A 623 -20.23 11.83 -9.81
CA LYS A 623 -21.56 12.32 -10.16
C LYS A 623 -21.53 13.82 -10.36
N THR A 624 -22.41 14.33 -11.21
CA THR A 624 -22.47 15.77 -11.43
C THR A 624 -23.33 16.35 -10.34
N SER A 625 -23.21 17.65 -10.10
CA SER A 625 -24.00 18.30 -9.07
C SER A 625 -25.48 18.04 -9.29
N ALA A 626 -25.91 17.99 -10.54
CA ALA A 626 -27.31 17.75 -10.86
C ALA A 626 -27.75 16.36 -10.41
N GLN A 627 -26.83 15.41 -10.47
CA GLN A 627 -27.11 14.04 -10.06
C GLN A 627 -27.14 13.95 -8.54
N VAL A 628 -26.12 14.55 -7.92
CA VAL A 628 -26.02 14.55 -6.47
C VAL A 628 -27.28 15.17 -5.87
N GLY A 629 -27.82 16.17 -6.57
CA GLY A 629 -29.04 16.82 -6.11
C GLY A 629 -30.21 15.86 -6.25
N ALA A 630 -30.19 15.12 -7.36
CA ALA A 630 -31.22 14.14 -7.65
C ALA A 630 -31.20 13.09 -6.53
N TYR A 631 -30.02 12.52 -6.32
CA TYR A 631 -29.82 11.51 -5.28
C TYR A 631 -30.36 11.96 -3.94
N ALA A 632 -30.02 13.19 -3.55
CA ALA A 632 -30.46 13.75 -2.28
C ALA A 632 -31.99 13.93 -2.22
N ALA A 633 -32.63 13.96 -3.39
CA ALA A 633 -34.07 14.12 -3.42
C ALA A 633 -34.72 12.79 -3.09
N ASP A 634 -34.32 11.75 -3.81
CA ASP A 634 -34.86 10.41 -3.61
C ASP A 634 -33.68 9.44 -3.53
N PRO A 635 -33.03 9.38 -2.36
CA PRO A 635 -31.87 8.53 -2.07
C PRO A 635 -32.11 7.02 -2.02
N ALA A 636 -31.14 6.27 -2.56
CA ALA A 636 -31.24 4.82 -2.56
C ALA A 636 -30.79 4.30 -1.20
N ILE A 637 -30.38 5.21 -0.33
CA ILE A 637 -29.92 4.84 0.98
C ILE A 637 -30.94 5.16 2.05
N GLU A 638 -30.87 4.43 3.16
CA GLU A 638 -31.79 4.61 4.26
C GLU A 638 -31.13 4.11 5.55
N ILE A 639 -30.77 5.04 6.43
CA ILE A 639 -30.14 4.65 7.69
C ILE A 639 -31.17 3.89 8.52
N VAL A 640 -30.88 2.63 8.82
CA VAL A 640 -31.79 1.81 9.61
C VAL A 640 -31.61 2.20 11.05
N VAL A 641 -30.36 2.25 11.49
CA VAL A 641 -30.01 2.63 12.86
C VAL A 641 -28.56 3.14 12.98
N ASN A 642 -28.36 4.14 13.83
CA ASN A 642 -27.03 4.67 14.07
C ASN A 642 -26.85 4.88 15.56
N THR A 643 -27.01 3.81 16.31
CA THR A 643 -26.87 3.86 17.74
C THR A 643 -25.51 3.37 18.21
N SER A 644 -25.29 3.48 19.51
CA SER A 644 -24.06 3.05 20.14
C SER A 644 -23.91 1.53 20.12
N GLY A 645 -25.02 0.83 19.99
CA GLY A 645 -24.99 -0.62 19.98
C GLY A 645 -25.09 -1.29 18.62
N VAL A 646 -25.51 -0.53 17.62
CA VAL A 646 -25.64 -1.09 16.27
C VAL A 646 -25.82 0.02 15.23
N GLN A 647 -25.12 -0.13 14.11
CA GLN A 647 -25.22 0.82 13.01
C GLN A 647 -25.60 0.00 11.80
N SER A 648 -26.70 0.39 11.16
CA SER A 648 -27.24 -0.35 10.03
C SER A 648 -27.71 0.56 8.91
N VAL A 649 -27.42 0.17 7.68
CA VAL A 649 -27.82 0.94 6.52
C VAL A 649 -28.39 0.01 5.46
N LYS A 650 -29.47 0.43 4.81
CA LYS A 650 -30.10 -0.38 3.79
C LYS A 650 -29.96 0.26 2.42
N GLU A 651 -29.86 -0.56 1.37
CA GLU A 651 -29.75 -0.05 0.01
C GLU A 651 -31.04 -0.47 -0.72
N LYS A 652 -32.04 0.41 -0.68
CA LYS A 652 -33.35 0.16 -1.29
C LYS A 652 -33.35 -0.57 -2.62
N THR A 653 -32.50 -0.13 -3.55
CA THR A 653 -32.46 -0.72 -4.89
C THR A 653 -31.74 -2.07 -5.03
N LEU A 654 -30.73 -2.32 -4.21
CA LEU A 654 -29.99 -3.58 -4.30
C LEU A 654 -30.56 -4.65 -3.37
N GLY A 655 -31.40 -4.24 -2.43
CA GLY A 655 -31.96 -5.20 -1.49
C GLY A 655 -30.91 -5.56 -0.46
N LEU A 656 -30.02 -4.60 -0.22
CA LEU A 656 -28.92 -4.78 0.72
C LEU A 656 -29.17 -4.18 2.10
N VAL A 657 -28.80 -4.94 3.13
CA VAL A 657 -28.91 -4.49 4.51
C VAL A 657 -27.61 -4.81 5.23
N GLY A 658 -26.95 -3.78 5.76
CA GLY A 658 -25.72 -3.99 6.48
C GLY A 658 -25.93 -3.63 7.93
N ALA A 659 -25.23 -4.33 8.82
CA ALA A 659 -25.37 -4.05 10.24
C ALA A 659 -24.18 -4.54 11.05
N ASN A 660 -23.61 -3.65 11.85
CA ASN A 660 -22.49 -3.99 12.73
C ASN A 660 -23.07 -3.90 14.13
N PHE A 661 -22.87 -4.93 14.93
CA PHE A 661 -23.37 -4.93 16.29
C PHE A 661 -22.16 -4.79 17.20
N TRP A 662 -22.17 -3.74 18.03
CA TRP A 662 -21.05 -3.43 18.89
C TRP A 662 -21.03 -4.01 20.29
N THR A 663 -22.07 -4.76 20.66
CA THR A 663 -22.13 -5.33 21.99
C THR A 663 -22.54 -6.78 21.96
N ASP A 664 -22.20 -7.51 23.02
CA ASP A 664 -22.55 -8.92 23.13
C ASP A 664 -23.92 -9.11 23.76
N THR A 665 -24.89 -8.36 23.26
CA THR A 665 -26.27 -8.44 23.73
C THR A 665 -27.15 -8.68 22.53
N THR A 666 -28.38 -9.14 22.78
CA THR A 666 -29.30 -9.39 21.69
C THR A 666 -29.88 -8.10 21.15
N GLN A 667 -29.60 -7.79 19.89
CA GLN A 667 -30.12 -6.58 19.26
C GLN A 667 -30.62 -6.89 17.85
N THR A 668 -31.49 -6.04 17.32
CA THR A 668 -32.01 -6.28 15.99
C THR A 668 -32.08 -5.02 15.14
N ALA A 669 -31.62 -5.14 13.90
CA ALA A 669 -31.63 -4.04 12.94
C ALA A 669 -32.43 -4.52 11.75
N ASP A 670 -33.54 -3.86 11.46
CA ASP A 670 -34.40 -4.28 10.36
C ASP A 670 -34.64 -5.78 10.55
N LEU A 671 -34.36 -6.57 9.52
CA LEU A 671 -34.58 -8.01 9.57
C LEU A 671 -33.50 -8.84 10.26
N ILE A 672 -32.40 -8.21 10.64
CA ILE A 672 -31.27 -8.91 11.28
C ILE A 672 -31.28 -8.87 12.80
N THR A 673 -31.16 -10.03 13.44
CA THR A 673 -31.07 -10.08 14.89
C THR A 673 -29.81 -10.85 15.25
N SER A 674 -29.01 -10.28 16.14
CA SER A 674 -27.77 -10.90 16.56
C SER A 674 -27.67 -10.87 18.08
N ASN A 675 -26.87 -11.77 18.63
CA ASN A 675 -26.69 -11.84 20.07
C ASN A 675 -25.25 -11.55 20.46
N LYS A 676 -24.38 -11.40 19.46
CA LYS A 676 -22.95 -11.14 19.70
C LYS A 676 -22.41 -10.03 18.79
N LYS A 677 -21.24 -9.51 19.16
CA LYS A 677 -20.58 -8.49 18.35
C LYS A 677 -20.41 -9.14 16.99
N ALA A 678 -20.80 -8.45 15.94
CA ALA A 678 -20.69 -9.03 14.61
C ALA A 678 -20.89 -8.02 13.50
N SER A 679 -20.46 -8.42 12.31
CA SER A 679 -20.61 -7.59 11.12
C SER A 679 -21.45 -8.46 10.20
N VAL A 680 -22.62 -7.97 9.83
CA VAL A 680 -23.54 -8.72 8.99
C VAL A 680 -24.03 -7.96 7.77
N MET A 681 -24.33 -8.70 6.72
CA MET A 681 -24.82 -8.12 5.48
C MET A 681 -25.70 -9.13 4.79
N THR A 682 -26.85 -8.68 4.33
CA THR A 682 -27.79 -9.56 3.63
C THR A 682 -28.26 -8.92 2.34
N ARG A 683 -28.68 -9.78 1.42
CA ARG A 683 -29.22 -9.32 0.16
C ARG A 683 -30.50 -10.10 -0.06
N GLU A 684 -31.57 -9.38 -0.36
CA GLU A 684 -32.86 -10.04 -0.59
C GLU A 684 -33.37 -9.82 -2.01
N ILE A 685 -33.74 -10.91 -2.65
CA ILE A 685 -34.29 -10.87 -3.99
C ILE A 685 -35.73 -11.28 -3.79
N ALA A 686 -36.61 -10.29 -3.69
CA ALA A 686 -38.05 -10.49 -3.48
C ALA A 686 -38.62 -11.85 -3.87
N ASP A 687 -39.21 -12.53 -2.88
CA ASP A 687 -39.85 -13.84 -3.08
C ASP A 687 -38.97 -14.83 -3.85
N GLU A 688 -37.67 -14.58 -3.87
CA GLU A 688 -36.79 -15.47 -4.61
C GLU A 688 -35.73 -16.11 -3.74
N ARG A 689 -34.77 -15.29 -3.33
CA ARG A 689 -33.66 -15.79 -2.54
C ARG A 689 -33.19 -14.75 -1.53
N LEU A 690 -32.53 -15.22 -0.48
CA LEU A 690 -32.01 -14.35 0.56
C LEU A 690 -30.60 -14.79 0.88
N GLU A 691 -29.67 -13.87 0.80
CA GLU A 691 -28.27 -14.19 1.10
C GLU A 691 -27.81 -13.46 2.35
N ALA A 692 -26.84 -14.04 3.03
CA ALA A 692 -26.35 -13.44 4.26
C ALA A 692 -24.91 -13.81 4.53
N SER A 693 -24.15 -12.84 5.00
CA SER A 693 -22.75 -13.04 5.32
C SER A 693 -22.49 -12.48 6.71
N VAL A 694 -21.75 -13.24 7.51
CA VAL A 694 -21.44 -12.83 8.86
C VAL A 694 -19.95 -13.01 9.13
N SER A 695 -19.45 -12.25 10.10
CA SER A 695 -18.05 -12.32 10.52
C SER A 695 -17.93 -11.80 11.95
N ASP A 696 -16.94 -12.32 12.67
CA ASP A 696 -16.65 -11.89 14.03
C ASP A 696 -15.43 -11.01 13.86
N PRO A 697 -15.64 -9.72 13.61
CA PRO A 697 -14.51 -8.80 13.43
C PRO A 697 -13.54 -8.74 14.60
N THR A 698 -13.97 -9.18 15.78
CA THR A 698 -13.08 -9.14 16.94
C THR A 698 -12.03 -10.24 16.90
N GLN A 699 -12.30 -11.33 16.17
CA GLN A 699 -11.36 -12.45 16.09
C GLN A 699 -11.03 -12.96 17.49
N ALA A 700 -11.95 -12.74 18.44
CA ALA A 700 -11.73 -13.15 19.82
C ALA A 700 -12.84 -14.05 20.36
N ASN A 701 -13.97 -14.08 19.67
CA ASN A 701 -15.09 -14.92 20.07
C ASN A 701 -14.76 -16.36 19.78
N ASN A 702 -14.61 -17.19 20.82
CA ASN A 702 -14.30 -18.60 20.54
C ASN A 702 -15.51 -19.50 20.71
N GLY A 703 -16.68 -18.91 20.49
CA GLY A 703 -17.93 -19.64 20.58
C GLY A 703 -18.65 -19.52 19.25
N THR A 704 -19.82 -18.89 19.27
CA THR A 704 -20.59 -18.73 18.04
C THR A 704 -21.32 -17.40 18.02
N ILE A 705 -21.94 -17.11 16.88
CA ILE A 705 -22.74 -15.91 16.71
C ILE A 705 -24.11 -16.48 16.34
N ALA A 706 -25.10 -16.23 17.17
CA ALA A 706 -26.43 -16.73 16.86
C ALA A 706 -27.12 -15.65 16.06
N ILE A 707 -27.50 -15.99 14.84
CA ILE A 707 -28.18 -15.01 13.99
C ILE A 707 -29.61 -15.48 13.72
N GLU A 708 -30.51 -14.53 13.51
CA GLU A 708 -31.91 -14.84 13.21
C GLU A 708 -32.44 -13.80 12.23
N LEU A 709 -32.89 -14.27 11.07
CA LEU A 709 -33.43 -13.40 10.04
C LEU A 709 -34.95 -13.45 9.98
N ALA A 710 -35.58 -12.29 9.91
CA ALA A 710 -37.05 -12.20 9.87
C ALA A 710 -37.69 -12.57 8.52
N ARG A 711 -37.34 -13.73 7.99
CA ARG A 711 -37.91 -14.19 6.73
C ARG A 711 -38.13 -15.69 6.82
N SER A 712 -39.12 -16.19 6.09
CA SER A 712 -39.42 -17.63 6.08
C SER A 712 -38.74 -18.25 4.87
N ALA A 713 -37.98 -19.31 5.09
CA ALA A 713 -37.27 -19.98 4.01
C ALA A 713 -37.76 -21.40 3.75
N GLU A 714 -37.35 -21.96 2.61
CA GLU A 714 -37.73 -23.31 2.16
C GLU A 714 -36.50 -24.23 2.10
N GLY A 715 -35.36 -23.63 1.79
CA GLY A 715 -34.14 -24.41 1.69
C GLY A 715 -32.92 -23.53 1.92
N TYR A 716 -31.74 -24.13 1.89
CA TYR A 716 -30.52 -23.37 2.10
C TYR A 716 -29.26 -24.18 1.76
N SER A 717 -28.14 -23.46 1.67
CA SER A 717 -26.83 -24.04 1.45
C SER A 717 -25.97 -23.06 2.23
N ALA A 718 -25.01 -23.56 2.99
CA ALA A 718 -24.16 -22.67 3.78
C ALA A 718 -22.75 -23.16 3.80
N ASP A 719 -21.82 -22.23 4.00
CA ASP A 719 -20.42 -22.57 4.08
C ASP A 719 -20.28 -23.44 5.31
N PRO A 720 -19.25 -24.29 5.34
CA PRO A 720 -19.10 -25.13 6.53
C PRO A 720 -18.76 -24.20 7.70
N GLY A 721 -19.36 -24.48 8.86
CA GLY A 721 -19.11 -23.62 10.01
C GLY A 721 -20.40 -22.94 10.40
N ILE A 722 -21.43 -23.09 9.58
CA ILE A 722 -22.71 -22.51 9.87
C ILE A 722 -23.72 -23.63 10.06
N THR A 723 -24.37 -23.65 11.21
CA THR A 723 -25.38 -24.66 11.50
C THR A 723 -26.76 -23.99 11.48
N VAL A 724 -27.57 -24.31 10.48
CA VAL A 724 -28.91 -23.74 10.42
C VAL A 724 -29.79 -24.60 11.31
N THR A 725 -30.57 -23.98 12.19
CA THR A 725 -31.44 -24.74 13.10
C THR A 725 -32.94 -24.49 12.89
N GLN A 726 -33.29 -23.55 12.02
CA GLN A 726 -34.70 -23.27 11.75
C GLN A 726 -34.90 -22.44 10.49
N LEU A 727 -35.74 -22.94 9.59
CA LEU A 727 -36.03 -22.28 8.34
C LEU A 727 -37.34 -21.48 8.37
N ALA A 728 -38.31 -21.95 9.16
CA ALA A 728 -39.60 -21.28 9.28
C ALA A 728 -40.09 -21.28 10.74
N PRO A 729 -40.88 -20.26 11.15
CA PRO A 729 -41.38 -19.07 10.45
C PRO A 729 -40.29 -18.06 10.19
N THR A 730 -39.19 -18.20 10.94
CA THR A 730 -38.04 -17.31 10.80
C THR A 730 -36.78 -18.15 10.67
N ILE A 731 -35.79 -17.58 9.98
CA ILE A 731 -34.51 -18.24 9.75
C ILE A 731 -33.60 -18.09 10.97
N LYS A 732 -33.05 -19.20 11.44
CA LYS A 732 -32.13 -19.17 12.58
C LYS A 732 -30.93 -20.06 12.31
N PHE A 733 -29.73 -19.55 12.62
CA PHE A 733 -28.51 -20.31 12.44
C PHE A 733 -27.41 -19.76 13.34
N THR A 734 -26.39 -20.58 13.56
CA THR A 734 -25.24 -20.19 14.37
C THR A 734 -24.00 -20.25 13.48
N VAL A 735 -22.98 -19.51 13.88
CA VAL A 735 -21.75 -19.49 13.12
C VAL A 735 -20.58 -19.80 14.05
N ASN A 736 -19.80 -20.82 13.68
CA ASN A 736 -18.62 -21.22 14.45
C ASN A 736 -17.48 -20.32 14.06
N VAL A 737 -17.18 -19.33 14.91
CA VAL A 737 -16.10 -18.40 14.62
C VAL A 737 -14.83 -18.66 15.43
N ASN A 738 -14.75 -19.82 16.06
CA ASN A 738 -13.57 -20.17 16.83
C ASN A 738 -12.40 -20.23 15.88
N GLY A 739 -11.45 -19.32 16.06
CA GLY A 739 -10.28 -19.30 15.20
C GLY A 739 -10.61 -18.90 13.78
N ALA A 740 -11.70 -18.19 13.60
CA ALA A 740 -12.11 -17.75 12.27
C ALA A 740 -11.19 -16.66 11.72
N LYS A 741 -10.47 -15.98 12.61
CA LYS A 741 -9.54 -14.92 12.21
C LYS A 741 -10.18 -13.85 11.32
N GLY A 742 -11.39 -13.43 11.66
CA GLY A 742 -12.08 -12.39 10.92
C GLY A 742 -12.69 -12.71 9.57
N LYS A 743 -12.71 -13.98 9.16
CA LYS A 743 -13.26 -14.31 7.85
C LYS A 743 -14.78 -14.14 7.82
N SER A 744 -15.33 -14.13 6.62
CA SER A 744 -16.77 -13.99 6.44
C SER A 744 -17.35 -15.34 6.05
N PHE A 745 -18.46 -15.70 6.69
CA PHE A 745 -19.13 -16.96 6.41
C PHE A 745 -20.38 -16.63 5.60
N HIS A 746 -20.59 -17.35 4.51
CA HIS A 746 -21.76 -17.09 3.66
C HIS A 746 -22.79 -18.19 3.71
N ALA A 747 -24.03 -17.84 3.37
CA ALA A 747 -25.14 -18.77 3.35
C ALA A 747 -26.25 -18.16 2.50
N SER A 748 -26.91 -18.98 1.69
CA SER A 748 -28.00 -18.46 0.86
C SER A 748 -29.24 -19.29 1.11
N PHE A 749 -30.35 -18.58 1.30
CA PHE A 749 -31.63 -19.23 1.56
C PHE A 749 -32.59 -18.96 0.42
N GLN A 750 -33.39 -19.96 0.10
CA GLN A 750 -34.40 -19.78 -0.93
C GLN A 750 -35.71 -19.52 -0.20
N LEU A 751 -36.38 -18.43 -0.57
CA LEU A 751 -37.65 -18.07 0.06
C LEU A 751 -38.79 -18.74 -0.72
N GLY A 752 -39.98 -18.81 -0.14
CA GLY A 752 -41.08 -19.45 -0.86
C GLY A 752 -42.18 -18.56 -1.40
#